data_6DZW
#
_entry.id   6DZW
#
loop_
_entity.id
_entity.type
_entity.pdbx_description
1 polymer 'Sodium-dependent serotonin transporter'
2 polymer '8B6 antibody single chain'
3 polymer '15B8 antibody heavy chain'
4 polymer '15B8 antibody light chain'
5 branched 2-acetamido-2-deoxy-beta-D-glucopyranose-(1-4)-2-acetamido-2-deoxy-beta-D-glucopyranose
6 non-polymer Paroxetine
7 non-polymer 2-acetamido-2-deoxy-beta-D-glucopyranose
#
loop_
_entity_poly.entity_id
_entity_poly.type
_entity_poly.pdbx_seq_one_letter_code
_entity_poly.pdbx_strand_id
1 'polypeptide(L)'
;RETWGKKVDFLLSVIGYAVDLGNVWRFPYICAQNGGGAFLLPYTIMAIFGGIPLFYMELALGQYHRNGCISIWRKICPIF
KGIGYAICIIAFYIASYYNTIMAWALYYLISSFTDQLPWTSCKNSWNTGNCTNYFSEDNITWTLHSTSPAEEFYTRHVLQ
IHRSKGLQDLGGISWQLALCIMLIFTVIYFSIWKGVKTSGKVVWVTATFPYIALSVLLVRGATLPGAWRGVLFYLKPNWQ
KLLETGVWIDAAAQIFFSLGPGFGVLLAFASYNKFNNNCYQDALVTSVVNCMTSFVSGFVIFTVLGYMAEMRNEDVSEVA
KDAGPSLLFITYAEAIANMPASTFFAIIFFLMLITLGLDSTFAGLEGVITAVLDEFPHVWAKRRERFVLAVVITCFFGSL
VTLTFGGAYVVKLLEEYATGPAVLTVALIEAVAVSWFYGITQFCRDVKEMLGFSPGWFWRICWVAISPLFLLFIIASFLM
SPPQLRLFQYNYPYWSIILGYAIGTSSFICIPTYIAYRLIITPGTFKERIIKSITPE
;
A
2 'polypeptide(L)'
;EVQLQQSGPELVKPGASVKISCKASGYTFTDYYMNWVKQSHGKSLEWIGNINPNNGGTSYNQKFKGKATLTVDKSSTTAY
MELRSLTSEDSAVYYCTRSPVRPYYFDYWGQGTTLTV(UNK)(UNK)(UNK)(UNK)(UNK)(UNK)(UNK)(UNK)
(UNK)(UNK)(UNK)(UNK)(UNK)(UNK)(UNK)(UNK)(UNK)DIVMTQSHKFMSTSVGDRVSITCKASQDVSTAVAW
YQQKPGQSPKLLIYSASYRYTGVPDRFTGSGSGTDFTFTISSVQAEDLAVYYCQQHYSIPRTFGGGTKLEI
;
V
3 'polypeptide(L)'
;QVQLQQSGPELVKLGASVRISCKASGYRFSYSWMNWVKQRPGKGLEWIGRIYPGDGDTKYSGKFKGKATLTADKSSSTVY
MQLSSLTSEDSAVYFCARSAYGSEGFAMDYWGQGTSVT
;
H
4 'polypeptide(L)'
;DIVLTQSPASLAVSLGQRATISCRASESVDNYGISFLNWFQQKPGQPPKLLIYAASNQGSGVPARFSGSGSGTYFSLNIH
PMEEDDTAVYFCQQTKGVSWTFGGGTKVEI
;
L
#
# COMPACT_ATOMS: atom_id res chain seq x y z
N ARG A 1 -17.77 2.13 -45.85
CA ARG A 1 -17.23 1.92 -44.52
C ARG A 1 -16.83 0.46 -44.33
N GLU A 2 -15.68 0.25 -43.67
CA GLU A 2 -15.16 -1.09 -43.47
C GLU A 2 -15.90 -1.78 -42.32
N THR A 3 -15.62 -3.08 -42.15
CA THR A 3 -16.21 -3.88 -41.09
C THR A 3 -15.12 -4.74 -40.45
N TRP A 4 -15.52 -5.52 -39.45
CA TRP A 4 -14.59 -6.43 -38.80
C TRP A 4 -14.35 -7.66 -39.68
N GLY A 5 -13.36 -8.46 -39.28
CA GLY A 5 -13.00 -9.63 -40.06
C GLY A 5 -14.01 -10.77 -39.92
N LYS A 6 -14.20 -11.25 -38.69
CA LYS A 6 -15.10 -12.37 -38.45
C LYS A 6 -16.20 -11.91 -37.50
N LYS A 7 -17.15 -12.82 -37.26
CA LYS A 7 -18.26 -12.52 -36.34
C LYS A 7 -17.76 -12.49 -34.90
N VAL A 8 -16.89 -13.43 -34.53
CA VAL A 8 -16.40 -13.51 -33.16
C VAL A 8 -15.31 -12.50 -32.84
N ASP A 9 -14.94 -11.65 -33.80
CA ASP A 9 -13.91 -10.65 -33.54
C ASP A 9 -14.43 -9.53 -32.64
N PHE A 10 -15.57 -8.94 -33.00
CA PHE A 10 -16.09 -7.83 -32.23
C PHE A 10 -16.89 -8.27 -31.01
N LEU A 11 -17.20 -9.56 -30.89
CA LEU A 11 -17.73 -10.08 -29.63
C LEU A 11 -16.63 -10.28 -28.60
N LEU A 12 -15.38 -10.32 -29.05
CA LEU A 12 -14.26 -10.52 -28.14
C LEU A 12 -13.70 -9.18 -27.65
N SER A 13 -14.02 -8.08 -28.34
CA SER A 13 -13.52 -6.78 -27.92
C SER A 13 -14.48 -6.10 -26.95
N VAL A 14 -15.78 -6.42 -27.02
CA VAL A 14 -16.76 -5.82 -26.12
C VAL A 14 -16.56 -6.36 -24.70
N ILE A 15 -16.21 -7.63 -24.57
CA ILE A 15 -15.87 -8.17 -23.26
C ILE A 15 -14.49 -7.69 -22.83
N GLY A 16 -13.59 -7.43 -23.77
CA GLY A 16 -12.25 -7.01 -23.42
C GLY A 16 -12.18 -5.59 -22.87
N TYR A 17 -13.08 -4.73 -23.34
CA TYR A 17 -13.20 -3.40 -22.73
C TYR A 17 -13.98 -3.47 -21.41
N ALA A 18 -14.85 -4.48 -21.28
CA ALA A 18 -15.64 -4.62 -20.06
C ALA A 18 -14.79 -5.07 -18.88
N VAL A 19 -13.83 -5.95 -19.12
CA VAL A 19 -12.94 -6.42 -18.06
C VAL A 19 -11.67 -5.55 -18.08
N ASP A 20 -11.14 -5.30 -16.89
CA ASP A 20 -9.86 -4.61 -16.74
C ASP A 20 -9.20 -5.15 -15.48
N LEU A 21 -8.13 -4.49 -15.03
CA LEU A 21 -7.53 -4.86 -13.76
C LEU A 21 -8.27 -4.23 -12.59
N GLY A 22 -9.21 -3.33 -12.88
CA GLY A 22 -10.02 -2.76 -11.81
C GLY A 22 -11.04 -3.73 -11.25
N ASN A 23 -11.39 -4.75 -12.03
CA ASN A 23 -12.42 -5.70 -11.61
C ASN A 23 -11.95 -6.66 -10.52
N VAL A 24 -10.67 -6.66 -10.17
CA VAL A 24 -10.17 -7.58 -9.15
C VAL A 24 -10.04 -6.92 -7.79
N TRP A 25 -10.05 -5.57 -7.72
CA TRP A 25 -9.92 -4.91 -6.43
C TRP A 25 -11.09 -3.97 -6.13
N ARG A 26 -11.63 -3.29 -7.15
CA ARG A 26 -12.67 -2.31 -6.89
C ARG A 26 -13.99 -2.98 -6.56
N PHE A 27 -14.29 -4.09 -7.21
CA PHE A 27 -15.50 -4.84 -6.89
C PHE A 27 -15.41 -5.64 -5.58
N PRO A 28 -14.45 -6.57 -5.37
CA PRO A 28 -14.62 -7.49 -4.22
C PRO A 28 -14.28 -6.87 -2.88
N TYR A 29 -13.63 -5.72 -2.86
CA TYR A 29 -13.30 -5.07 -1.58
C TYR A 29 -14.55 -4.45 -0.96
N ILE A 30 -15.44 -3.91 -1.79
CA ILE A 30 -16.68 -3.35 -1.28
C ILE A 30 -17.66 -4.46 -0.92
N CYS A 31 -17.45 -5.66 -1.48
CA CYS A 31 -18.26 -6.82 -1.09
C CYS A 31 -17.95 -7.24 0.34
N ALA A 32 -16.66 -7.32 0.69
CA ALA A 32 -16.28 -7.79 2.02
C ALA A 32 -16.56 -6.76 3.10
N GLN A 33 -16.42 -5.48 2.77
CA GLN A 33 -16.65 -4.43 3.77
C GLN A 33 -18.13 -4.22 4.04
N ASN A 34 -18.95 -4.24 2.99
CA ASN A 34 -20.37 -3.93 3.11
C ASN A 34 -21.22 -5.20 3.19
N GLY A 35 -21.09 -5.90 4.33
CA GLY A 35 -21.99 -6.98 4.65
C GLY A 35 -21.61 -8.35 4.13
N GLY A 36 -20.39 -8.52 3.60
CA GLY A 36 -19.94 -9.81 3.16
C GLY A 36 -20.65 -10.36 1.94
N GLY A 37 -21.38 -11.46 2.12
CA GLY A 37 -22.11 -12.07 1.02
C GLY A 37 -23.41 -11.37 0.66
N ALA A 38 -23.84 -10.40 1.47
CA ALA A 38 -25.08 -9.69 1.19
C ALA A 38 -24.91 -8.64 0.10
N PHE A 39 -23.65 -8.30 -0.24
CA PHE A 39 -23.40 -7.30 -1.26
C PHE A 39 -23.69 -7.80 -2.68
N LEU A 40 -23.75 -9.11 -2.87
CA LEU A 40 -24.09 -9.64 -4.19
C LEU A 40 -25.58 -9.54 -4.50
N LEU A 41 -26.41 -9.27 -3.49
CA LEU A 41 -27.85 -9.11 -3.75
C LEU A 41 -28.19 -7.81 -4.46
N PRO A 42 -27.61 -6.63 -4.15
CA PRO A 42 -27.82 -5.48 -5.06
C PRO A 42 -27.03 -5.57 -6.36
N TYR A 43 -26.09 -6.51 -6.47
CA TYR A 43 -25.29 -6.61 -7.69
C TYR A 43 -26.09 -7.21 -8.84
N THR A 44 -27.14 -7.98 -8.54
CA THR A 44 -27.90 -8.64 -9.60
C THR A 44 -29.25 -7.96 -9.86
N ILE A 45 -29.69 -7.08 -8.97
CA ILE A 45 -30.95 -6.37 -9.20
C ILE A 45 -30.68 -5.02 -9.88
N MET A 46 -29.58 -4.36 -9.50
CA MET A 46 -29.25 -3.08 -10.12
C MET A 46 -28.61 -3.27 -11.49
N ALA A 47 -28.17 -4.49 -11.83
CA ALA A 47 -27.59 -4.72 -13.14
C ALA A 47 -28.66 -4.81 -14.22
N ILE A 48 -29.77 -5.48 -13.92
CA ILE A 48 -30.83 -5.64 -14.92
C ILE A 48 -31.63 -4.35 -15.08
N PHE A 49 -31.65 -3.51 -14.05
CA PHE A 49 -32.41 -2.26 -14.11
C PHE A 49 -31.61 -1.11 -14.70
N GLY A 50 -30.40 -0.87 -14.21
CA GLY A 50 -29.62 0.28 -14.65
C GLY A 50 -28.43 -0.08 -15.51
N GLY A 51 -27.81 -1.24 -15.25
CA GLY A 51 -26.61 -1.62 -15.96
C GLY A 51 -26.85 -2.14 -17.36
N ILE A 52 -27.66 -3.20 -17.48
CA ILE A 52 -27.91 -3.89 -18.74
C ILE A 52 -28.62 -3.02 -19.80
N PRO A 53 -29.73 -2.31 -19.52
CA PRO A 53 -30.37 -1.55 -20.63
C PRO A 53 -29.58 -0.33 -21.08
N LEU A 54 -28.84 0.31 -20.16
CA LEU A 54 -27.96 1.40 -20.57
C LEU A 54 -26.76 0.87 -21.34
N PHE A 55 -26.36 -0.37 -21.06
CA PHE A 55 -25.34 -1.04 -21.88
C PHE A 55 -25.87 -1.39 -23.26
N TYR A 56 -27.18 -1.55 -23.40
CA TYR A 56 -27.78 -2.01 -24.65
C TYR A 56 -28.10 -0.87 -25.60
N MET A 57 -28.47 0.30 -25.09
CA MET A 57 -28.86 1.40 -25.97
C MET A 57 -27.66 2.04 -26.64
N GLU A 58 -26.47 1.87 -26.07
CA GLU A 58 -25.26 2.44 -26.67
C GLU A 58 -24.88 1.67 -27.94
N LEU A 59 -25.21 0.38 -28.00
CA LEU A 59 -24.97 -0.39 -29.22
C LEU A 59 -26.04 -0.10 -30.27
N ALA A 60 -27.26 0.22 -29.85
CA ALA A 60 -28.35 0.39 -30.81
C ALA A 60 -28.20 1.68 -31.61
N LEU A 61 -27.64 2.72 -31.00
CA LEU A 61 -27.33 3.94 -31.75
C LEU A 61 -26.14 3.73 -32.67
N GLY A 62 -25.19 2.87 -32.27
CA GLY A 62 -24.04 2.62 -33.11
C GLY A 62 -24.34 1.64 -34.24
N GLN A 63 -25.39 0.83 -34.09
CA GLN A 63 -25.71 -0.16 -35.11
C GLN A 63 -26.41 0.49 -36.31
N TYR A 64 -27.31 1.44 -36.05
CA TYR A 64 -28.08 2.05 -37.13
C TYR A 64 -27.34 3.24 -37.76
N HIS A 65 -26.75 4.11 -36.94
CA HIS A 65 -26.15 5.33 -37.46
C HIS A 65 -24.80 5.06 -38.11
N ARG A 66 -24.14 3.97 -37.70
CA ARG A 66 -22.81 3.50 -38.12
C ARG A 66 -21.78 4.63 -38.26
N ASN A 67 -21.76 5.50 -37.26
CA ASN A 67 -20.92 6.69 -37.27
C ASN A 67 -20.06 6.72 -36.02
N GLY A 68 -19.26 7.78 -35.91
CA GLY A 68 -18.31 7.91 -34.82
C GLY A 68 -18.93 8.48 -33.56
N CYS A 69 -18.07 9.08 -32.73
CA CYS A 69 -18.51 9.61 -31.46
C CYS A 69 -19.26 10.93 -31.63
N ILE A 70 -18.79 11.78 -32.54
CA ILE A 70 -19.32 13.13 -32.67
C ILE A 70 -20.40 13.21 -33.75
N SER A 71 -20.45 12.21 -34.65
CA SER A 71 -21.35 12.31 -35.80
C SER A 71 -22.69 11.63 -35.54
N ILE A 72 -22.82 10.89 -34.44
CA ILE A 72 -24.11 10.31 -34.09
C ILE A 72 -25.06 11.39 -33.59
N TRP A 73 -24.53 12.46 -33.01
CA TRP A 73 -25.36 13.57 -32.56
C TRP A 73 -25.77 14.50 -33.70
N ARG A 74 -25.16 14.35 -34.88
CA ARG A 74 -25.56 15.15 -36.03
C ARG A 74 -26.92 14.72 -36.57
N LYS A 75 -27.26 13.44 -36.40
CA LYS A 75 -28.52 12.90 -36.90
C LYS A 75 -29.49 12.55 -35.78
N ILE A 76 -29.24 13.06 -34.56
CA ILE A 76 -30.18 12.86 -33.46
C ILE A 76 -30.60 14.22 -32.92
N CYS A 77 -29.65 14.97 -32.36
CA CYS A 77 -29.92 16.30 -31.81
C CYS A 77 -28.61 17.09 -31.77
N PRO A 78 -28.40 18.03 -32.71
CA PRO A 78 -27.06 18.64 -32.87
C PRO A 78 -26.61 19.56 -31.72
N ILE A 79 -27.46 19.87 -30.74
CA ILE A 79 -26.97 20.70 -29.64
C ILE A 79 -26.09 19.91 -28.68
N PHE A 80 -26.16 18.57 -28.72
CA PHE A 80 -25.40 17.73 -27.81
C PHE A 80 -24.05 17.32 -28.40
N LYS A 81 -23.46 18.18 -29.23
CA LYS A 81 -22.11 17.97 -29.73
C LYS A 81 -21.06 18.11 -28.63
N GLY A 82 -21.40 18.78 -27.52
CA GLY A 82 -20.48 18.88 -26.40
C GLY A 82 -20.25 17.57 -25.65
N ILE A 83 -21.07 16.55 -25.91
CA ILE A 83 -20.85 15.24 -25.29
C ILE A 83 -19.61 14.58 -25.88
N GLY A 84 -19.49 14.60 -27.21
CA GLY A 84 -18.35 13.97 -27.84
C GLY A 84 -17.05 14.74 -27.69
N TYR A 85 -17.14 16.04 -27.45
CA TYR A 85 -15.94 16.83 -27.15
C TYR A 85 -15.53 16.68 -25.69
N ALA A 86 -16.45 16.25 -24.82
CA ALA A 86 -16.11 16.03 -23.42
C ALA A 86 -15.29 14.76 -23.25
N ILE A 87 -15.70 13.67 -23.91
CA ILE A 87 -15.04 12.38 -23.74
C ILE A 87 -13.67 12.34 -24.40
N CYS A 88 -13.37 13.29 -25.29
CA CYS A 88 -12.05 13.32 -25.92
C CYS A 88 -10.97 13.78 -24.93
N ILE A 89 -11.29 14.75 -24.07
CA ILE A 89 -10.29 15.28 -23.17
C ILE A 89 -10.17 14.43 -21.91
N ILE A 90 -11.19 13.62 -21.61
CA ILE A 90 -11.06 12.65 -20.53
C ILE A 90 -10.19 11.48 -20.98
N ALA A 91 -10.22 11.16 -22.28
CA ALA A 91 -9.32 10.14 -22.80
C ALA A 91 -7.86 10.59 -22.74
N PHE A 92 -7.62 11.90 -22.83
CA PHE A 92 -6.30 12.43 -22.51
C PHE A 92 -6.07 12.46 -21.00
N TYR A 93 -7.15 12.58 -20.22
CA TYR A 93 -7.04 12.66 -18.76
C TYR A 93 -6.92 11.28 -18.14
N ILE A 94 -7.58 10.28 -18.73
CA ILE A 94 -7.47 8.91 -18.22
C ILE A 94 -6.09 8.35 -18.51
N ALA A 95 -5.58 8.58 -19.72
CA ALA A 95 -4.30 8.03 -20.14
C ALA A 95 -3.10 8.64 -19.41
N SER A 96 -3.31 9.71 -18.64
CA SER A 96 -2.25 10.26 -17.81
C SER A 96 -1.98 9.36 -16.59
N TYR A 97 -3.04 8.92 -15.91
CA TYR A 97 -2.85 8.17 -14.68
C TYR A 97 -2.98 6.66 -14.89
N TYR A 98 -3.71 6.24 -15.93
CA TYR A 98 -4.00 4.82 -16.10
C TYR A 98 -2.77 4.05 -16.57
N ASN A 99 -1.95 4.66 -17.44
CA ASN A 99 -0.78 3.95 -17.95
C ASN A 99 0.33 3.86 -16.91
N THR A 100 0.27 4.69 -15.87
CA THR A 100 1.23 4.56 -14.77
C THR A 100 0.94 3.36 -13.89
N ILE A 101 -0.30 2.85 -13.93
CA ILE A 101 -0.66 1.67 -13.14
C ILE A 101 0.04 0.44 -13.67
N MET A 102 0.02 0.24 -15.00
CA MET A 102 0.80 -0.87 -15.57
C MET A 102 2.29 -0.55 -15.61
N ALA A 103 2.66 0.72 -15.55
CA ALA A 103 4.08 1.07 -15.49
C ALA A 103 4.69 0.68 -14.15
N TRP A 104 3.89 0.64 -13.09
CA TRP A 104 4.36 0.07 -11.83
C TRP A 104 4.47 -1.44 -11.94
N ALA A 105 3.62 -2.07 -12.75
CA ALA A 105 3.69 -3.50 -12.97
C ALA A 105 4.75 -3.87 -14.00
N LEU A 106 5.04 -2.97 -14.93
CA LEU A 106 6.10 -3.22 -15.91
C LEU A 106 7.47 -3.13 -15.25
N TYR A 107 7.61 -2.27 -14.24
CA TYR A 107 8.85 -2.24 -13.46
C TYR A 107 8.94 -3.45 -12.54
N TYR A 108 7.79 -4.00 -12.12
CA TYR A 108 7.80 -5.22 -11.31
C TYR A 108 8.13 -6.45 -12.14
N LEU A 109 7.94 -6.40 -13.46
CA LEU A 109 8.26 -7.54 -14.31
C LEU A 109 9.77 -7.69 -14.47
N ILE A 110 10.49 -6.58 -14.66
CA ILE A 110 11.93 -6.65 -14.83
C ILE A 110 12.62 -6.83 -13.47
N SER A 111 11.95 -6.45 -12.38
CA SER A 111 12.53 -6.62 -11.05
C SER A 111 12.38 -8.06 -10.55
N SER A 112 11.25 -8.69 -10.83
CA SER A 112 11.01 -10.07 -10.42
C SER A 112 11.48 -11.09 -11.44
N PHE A 113 12.25 -10.67 -12.44
CA PHE A 113 12.78 -11.62 -13.43
C PHE A 113 13.88 -12.48 -12.83
N THR A 114 14.59 -11.97 -11.82
CA THR A 114 15.65 -12.74 -11.18
C THR A 114 15.05 -13.80 -10.26
N ASP A 115 15.92 -14.69 -9.78
CA ASP A 115 15.47 -15.80 -8.94
C ASP A 115 15.19 -15.35 -7.51
N GLN A 116 15.94 -14.37 -7.02
CA GLN A 116 15.81 -13.87 -5.64
C GLN A 116 14.96 -12.60 -5.68
N LEU A 117 13.73 -12.70 -5.21
CA LEU A 117 12.84 -11.56 -5.19
C LEU A 117 13.22 -10.61 -4.05
N PRO A 118 13.07 -9.30 -4.24
CA PRO A 118 13.40 -8.34 -3.17
C PRO A 118 12.31 -8.18 -2.12
N TRP A 119 11.23 -8.95 -2.18
CA TRP A 119 10.14 -8.81 -1.23
C TRP A 119 10.25 -9.77 -0.05
N THR A 120 11.04 -10.83 -0.18
CA THR A 120 11.20 -11.80 0.90
C THR A 120 12.34 -11.45 1.84
N SER A 121 13.01 -10.32 1.62
CA SER A 121 14.11 -9.88 2.48
C SER A 121 14.24 -8.38 2.35
N CYS A 122 14.88 -7.77 3.36
CA CYS A 122 15.08 -6.33 3.42
C CYS A 122 16.47 -5.92 2.98
N LYS A 123 17.07 -6.64 2.03
CA LYS A 123 18.42 -6.36 1.57
C LYS A 123 18.39 -5.33 0.44
N ASN A 124 18.02 -4.11 0.80
CA ASN A 124 17.96 -3.02 -0.17
C ASN A 124 18.22 -1.71 0.55
N SER A 125 18.11 -0.61 -0.20
CA SER A 125 18.43 0.73 0.30
C SER A 125 17.19 1.49 0.78
N TRP A 126 16.20 0.79 1.30
CA TRP A 126 15.00 1.44 1.83
C TRP A 126 15.23 1.81 3.29
N ASN A 127 14.16 2.23 3.96
CA ASN A 127 14.19 2.45 5.41
C ASN A 127 14.15 1.09 6.11
N THR A 128 15.34 0.52 6.28
CA THR A 128 15.50 -0.84 6.80
C THR A 128 15.24 -0.90 8.31
N GLY A 129 15.23 0.23 9.01
CA GLY A 129 14.92 0.22 10.43
C GLY A 129 13.48 -0.12 10.73
N ASN A 130 12.59 0.10 9.77
CA ASN A 130 11.20 -0.32 9.89
C ASN A 130 10.91 -1.60 9.13
N CYS A 131 11.82 -2.04 8.27
CA CYS A 131 11.66 -3.29 7.53
C CYS A 131 11.96 -4.48 8.43
N THR A 132 10.95 -4.95 9.15
CA THR A 132 11.11 -6.02 10.14
C THR A 132 9.99 -7.06 9.99
N ASN A 133 9.77 -7.51 8.75
CA ASN A 133 8.68 -8.43 8.45
C ASN A 133 9.04 -9.89 8.69
N TYR A 134 10.20 -10.19 9.24
CA TYR A 134 10.59 -11.58 9.49
C TYR A 134 9.82 -12.13 10.68
N PHE A 135 9.11 -13.24 10.46
CA PHE A 135 8.27 -13.85 11.48
C PHE A 135 9.09 -14.85 12.30
N SER A 136 9.70 -14.34 13.37
CA SER A 136 10.48 -15.18 14.25
C SER A 136 9.57 -15.92 15.24
N GLU A 137 10.19 -16.74 16.09
CA GLU A 137 9.46 -17.57 17.05
C GLU A 137 9.18 -16.75 18.31
N ASP A 138 8.11 -15.94 18.22
CA ASP A 138 7.58 -15.10 19.31
C ASP A 138 8.62 -14.12 19.85
N ASN A 139 9.43 -13.58 18.95
CA ASN A 139 10.37 -12.51 19.26
C ASN A 139 10.25 -11.44 18.18
N ILE A 140 9.01 -11.14 17.80
CA ILE A 140 8.72 -10.15 16.78
C ILE A 140 7.62 -9.16 17.15
N THR A 141 7.90 -7.86 17.05
CA THR A 141 6.91 -6.82 17.32
C THR A 141 7.12 -5.63 16.40
N TRP A 142 6.05 -4.91 16.04
CA TRP A 142 6.20 -3.74 15.19
C TRP A 142 5.57 -2.51 15.81
N THR A 143 6.31 -1.41 15.84
CA THR A 143 5.77 -0.17 16.35
C THR A 143 4.95 0.51 15.28
N LEU A 144 4.04 1.36 15.73
CA LEU A 144 3.15 2.15 14.86
C LEU A 144 3.89 2.65 13.61
N HIS A 145 5.17 2.98 13.74
CA HIS A 145 5.91 3.56 12.63
C HIS A 145 6.57 2.53 11.72
N SER A 146 6.26 1.24 11.90
CA SER A 146 6.85 0.22 11.05
C SER A 146 6.13 0.15 9.70
N THR A 147 6.84 -0.39 8.72
CA THR A 147 6.30 -0.51 7.36
C THR A 147 6.56 -1.91 6.84
N SER A 148 6.03 -2.18 5.65
CA SER A 148 6.14 -3.44 4.94
C SER A 148 7.20 -3.34 3.85
N PRO A 149 7.92 -4.44 3.57
CA PRO A 149 8.91 -4.40 2.48
C PRO A 149 8.29 -4.23 1.10
N ALA A 150 7.04 -4.64 0.91
CA ALA A 150 6.34 -4.35 -0.34
C ALA A 150 5.98 -2.88 -0.43
N GLU A 151 5.81 -2.22 0.71
CA GLU A 151 5.50 -0.79 0.70
C GLU A 151 6.76 0.02 0.45
N GLU A 152 7.90 -0.43 0.97
CA GLU A 152 9.14 0.31 0.80
C GLU A 152 9.65 0.21 -0.64
N PHE A 153 9.37 -0.90 -1.31
CA PHE A 153 9.70 -0.99 -2.73
C PHE A 153 8.73 -0.18 -3.57
N TYR A 154 7.53 0.07 -3.05
CA TYR A 154 6.52 0.81 -3.81
C TYR A 154 6.68 2.31 -3.61
N THR A 155 7.08 2.75 -2.41
CA THR A 155 7.10 4.17 -2.08
C THR A 155 8.47 4.80 -2.27
N ARG A 156 9.54 4.13 -1.85
CA ARG A 156 10.86 4.75 -1.86
C ARG A 156 11.49 4.71 -3.25
N HIS A 157 11.44 3.55 -3.91
CA HIS A 157 12.14 3.37 -5.19
C HIS A 157 11.29 3.76 -6.39
N VAL A 158 10.05 3.30 -6.46
CA VAL A 158 9.24 3.51 -7.66
C VAL A 158 8.67 4.93 -7.68
N LEU A 159 7.92 5.30 -6.64
CA LEU A 159 7.26 6.60 -6.63
C LEU A 159 8.19 7.70 -6.14
N GLN A 160 9.11 7.37 -5.22
CA GLN A 160 10.01 8.32 -4.55
C GLN A 160 9.24 9.45 -3.87
N ILE A 161 8.42 9.08 -2.89
CA ILE A 161 7.59 10.06 -2.20
C ILE A 161 8.40 10.85 -1.19
N HIS A 162 9.60 10.36 -0.81
CA HIS A 162 10.45 11.10 0.10
C HIS A 162 11.12 12.28 -0.59
N ARG A 163 11.21 12.24 -1.92
CA ARG A 163 11.80 13.34 -2.69
C ARG A 163 10.87 14.53 -2.83
N SER A 164 9.58 14.35 -2.56
CA SER A 164 8.59 15.41 -2.68
C SER A 164 7.87 15.57 -1.34
N LYS A 165 6.89 16.48 -1.32
CA LYS A 165 6.14 16.74 -0.10
C LYS A 165 4.64 16.61 -0.33
N GLY A 166 4.20 16.89 -1.56
CA GLY A 166 2.79 16.79 -1.87
C GLY A 166 2.48 17.54 -3.17
N LEU A 167 1.36 18.27 -3.14
CA LEU A 167 0.92 18.99 -4.33
C LEU A 167 1.70 20.28 -4.55
N GLN A 168 2.43 20.74 -3.53
CA GLN A 168 3.16 22.00 -3.66
C GLN A 168 4.48 21.81 -4.39
N ASP A 169 5.05 20.60 -4.34
CA ASP A 169 6.32 20.33 -5.01
C ASP A 169 6.22 18.95 -5.66
N LEU A 170 6.27 18.93 -6.99
CA LEU A 170 6.12 17.69 -7.75
C LEU A 170 7.42 17.19 -8.35
N GLY A 171 8.25 18.17 -8.73
CA GLY A 171 9.60 18.01 -9.26
C GLY A 171 9.89 17.20 -10.49
N GLY A 172 10.92 16.37 -10.38
CA GLY A 172 11.63 15.86 -11.54
C GLY A 172 11.22 14.42 -11.72
N ILE A 173 10.73 14.11 -12.91
CA ILE A 173 10.27 12.77 -13.20
C ILE A 173 11.35 11.70 -13.24
N SER A 174 11.03 10.59 -12.59
CA SER A 174 11.85 9.39 -12.56
C SER A 174 12.23 8.97 -13.98
N TRP A 175 13.51 8.68 -14.21
CA TRP A 175 13.95 8.31 -15.54
C TRP A 175 13.76 6.82 -15.81
N GLN A 176 13.77 6.00 -14.76
CA GLN A 176 13.55 4.57 -14.94
C GLN A 176 12.08 4.26 -15.23
N LEU A 177 11.16 5.00 -14.60
CA LEU A 177 9.74 4.78 -14.86
C LEU A 177 9.31 5.41 -16.18
N ALA A 178 10.10 6.38 -16.67
CA ALA A 178 9.78 7.00 -17.96
C ALA A 178 10.09 6.07 -19.12
N LEU A 179 11.02 5.13 -18.93
CA LEU A 179 11.32 4.17 -19.99
C LEU A 179 10.21 3.15 -20.14
N CYS A 180 9.46 2.89 -19.06
CA CYS A 180 8.33 1.96 -19.13
C CYS A 180 7.16 2.54 -19.92
N ILE A 181 7.06 3.87 -20.00
CA ILE A 181 6.01 4.50 -20.79
C ILE A 181 6.28 4.32 -22.27
N MET A 182 7.55 4.30 -22.66
CA MET A 182 7.89 4.10 -24.07
C MET A 182 7.68 2.66 -24.51
N LEU A 183 7.82 1.71 -23.59
CA LEU A 183 7.55 0.32 -23.92
C LEU A 183 6.06 0.04 -24.02
N ILE A 184 5.24 0.79 -23.29
CA ILE A 184 3.79 0.62 -23.35
C ILE A 184 3.24 1.26 -24.62
N PHE A 185 3.67 2.49 -24.90
CA PHE A 185 3.08 3.28 -25.98
C PHE A 185 3.47 2.80 -27.37
N THR A 186 4.48 1.94 -27.48
CA THR A 186 4.86 1.41 -28.78
C THR A 186 3.86 0.39 -29.27
N VAL A 187 3.34 -0.45 -28.37
CA VAL A 187 2.37 -1.47 -28.76
C VAL A 187 1.00 -0.84 -29.04
N ILE A 188 0.73 0.32 -28.45
CA ILE A 188 -0.53 1.01 -28.70
C ILE A 188 -0.55 1.61 -30.11
N TYR A 189 0.59 2.13 -30.56
CA TYR A 189 0.63 2.80 -31.86
C TYR A 189 0.62 1.80 -33.01
N PHE A 190 1.16 0.61 -32.79
CA PHE A 190 1.30 -0.39 -33.86
C PHE A 190 0.09 -1.30 -33.98
N SER A 191 -1.07 -0.93 -33.45
CA SER A 191 -2.27 -1.77 -33.55
C SER A 191 -3.50 -0.99 -33.99
N ILE A 192 -3.47 0.34 -33.95
CA ILE A 192 -4.63 1.15 -34.29
C ILE A 192 -4.46 1.89 -35.61
N TRP A 193 -3.24 1.95 -36.16
CA TRP A 193 -2.98 2.75 -37.35
C TRP A 193 -3.66 2.19 -38.60
N LYS A 194 -3.85 0.87 -38.66
CA LYS A 194 -4.54 0.28 -39.80
C LYS A 194 -6.06 0.29 -39.63
N GLY A 195 -6.54 0.28 -38.40
CA GLY A 195 -7.97 0.31 -38.16
C GLY A 195 -8.50 -0.93 -37.46
N VAL A 196 -9.61 -1.48 -37.97
CA VAL A 196 -10.22 -2.64 -37.35
C VAL A 196 -9.57 -3.94 -37.81
N LYS A 197 -8.66 -3.86 -38.79
CA LYS A 197 -8.01 -5.06 -39.29
C LYS A 197 -6.98 -5.60 -38.30
N THR A 198 -6.15 -4.73 -37.73
CA THR A 198 -5.20 -5.13 -36.70
C THR A 198 -5.81 -5.13 -35.31
N SER A 199 -6.89 -4.36 -35.10
CA SER A 199 -7.59 -4.40 -33.82
C SER A 199 -8.39 -5.69 -33.66
N GLY A 200 -8.76 -6.32 -34.77
CA GLY A 200 -9.46 -7.59 -34.71
C GLY A 200 -8.60 -8.81 -34.44
N LYS A 201 -7.28 -8.65 -34.45
CA LYS A 201 -6.37 -9.78 -34.26
C LYS A 201 -5.54 -9.68 -33.00
N VAL A 202 -5.33 -8.47 -32.46
CA VAL A 202 -4.48 -8.31 -31.29
C VAL A 202 -5.24 -8.72 -30.02
N VAL A 203 -6.58 -8.68 -30.06
CA VAL A 203 -7.39 -9.01 -28.90
C VAL A 203 -7.49 -10.53 -28.74
N TRP A 204 -7.15 -11.29 -29.78
CA TRP A 204 -7.21 -12.76 -29.73
C TRP A 204 -6.22 -13.36 -28.75
N VAL A 205 -5.15 -12.64 -28.43
CA VAL A 205 -4.14 -13.14 -27.50
C VAL A 205 -4.25 -12.44 -26.14
N THR A 206 -4.70 -11.18 -26.12
CA THR A 206 -4.61 -10.40 -24.89
C THR A 206 -5.89 -10.44 -24.06
N ALA A 207 -6.98 -10.98 -24.61
CA ALA A 207 -8.24 -11.05 -23.88
C ALA A 207 -8.51 -12.43 -23.28
N THR A 208 -7.76 -13.45 -23.69
CA THR A 208 -7.90 -14.78 -23.12
C THR A 208 -6.72 -15.19 -22.26
N PHE A 209 -5.59 -14.50 -22.36
CA PHE A 209 -4.45 -14.75 -21.47
C PHE A 209 -4.73 -14.43 -20.01
N PRO A 210 -5.44 -13.34 -19.62
CA PRO A 210 -5.80 -13.23 -18.20
C PRO A 210 -6.87 -14.22 -17.76
N TYR A 211 -7.70 -14.72 -18.68
CA TYR A 211 -8.75 -15.66 -18.30
C TYR A 211 -8.18 -17.04 -17.98
N ILE A 212 -7.12 -17.45 -18.69
CA ILE A 212 -6.42 -18.68 -18.30
C ILE A 212 -5.50 -18.42 -17.12
N ALA A 213 -5.17 -17.15 -16.86
CA ALA A 213 -4.35 -16.82 -15.70
C ALA A 213 -5.18 -16.90 -14.41
N LEU A 214 -6.50 -16.73 -14.52
CA LEU A 214 -7.37 -16.90 -13.37
C LEU A 214 -7.53 -18.38 -13.00
N SER A 215 -7.26 -19.28 -13.95
CA SER A 215 -7.43 -20.71 -13.68
C SER A 215 -6.20 -21.29 -12.99
N VAL A 216 -5.01 -20.86 -13.42
CA VAL A 216 -3.79 -21.40 -12.82
C VAL A 216 -3.52 -20.76 -11.46
N LEU A 217 -4.08 -19.57 -11.22
CA LEU A 217 -3.90 -18.92 -9.92
C LEU A 217 -4.94 -19.41 -8.92
N LEU A 218 -6.06 -19.96 -9.40
CA LEU A 218 -7.08 -20.47 -8.49
C LEU A 218 -6.67 -21.80 -7.89
N VAL A 219 -5.96 -22.64 -8.65
CA VAL A 219 -5.54 -23.94 -8.14
C VAL A 219 -4.38 -23.78 -7.15
N ARG A 220 -3.68 -22.64 -7.22
CA ARG A 220 -2.69 -22.32 -6.19
C ARG A 220 -3.37 -22.01 -4.86
N GLY A 221 -4.46 -21.25 -4.90
CA GLY A 221 -5.20 -20.92 -3.69
C GLY A 221 -6.14 -22.01 -3.23
N ALA A 222 -6.45 -22.98 -4.09
CA ALA A 222 -7.39 -24.04 -3.72
C ALA A 222 -6.75 -25.04 -2.76
N THR A 223 -5.51 -25.48 -3.06
CA THR A 223 -4.79 -26.42 -2.23
C THR A 223 -3.84 -25.69 -1.26
N LEU A 224 -4.24 -24.51 -0.80
CA LEU A 224 -3.54 -23.57 0.06
C LEU A 224 -4.15 -23.57 1.46
N PRO A 225 -3.32 -23.71 2.49
CA PRO A 225 -3.85 -23.72 3.86
C PRO A 225 -4.32 -22.34 4.30
N GLY A 226 -5.45 -22.32 5.01
CA GLY A 226 -6.01 -21.07 5.46
C GLY A 226 -6.84 -20.34 4.43
N ALA A 227 -7.20 -20.99 3.32
CA ALA A 227 -8.03 -20.35 2.31
C ALA A 227 -9.50 -20.33 2.71
N TRP A 228 -9.88 -21.14 3.69
CA TRP A 228 -11.28 -21.20 4.11
C TRP A 228 -11.67 -19.98 4.94
N ARG A 229 -10.68 -19.26 5.49
CA ARG A 229 -11.00 -18.03 6.22
C ARG A 229 -11.34 -16.90 5.27
N GLY A 230 -10.79 -16.94 4.05
CA GLY A 230 -11.08 -15.88 3.10
C GLY A 230 -12.47 -16.00 2.48
N VAL A 231 -12.94 -17.23 2.26
CA VAL A 231 -14.27 -17.44 1.69
C VAL A 231 -15.33 -17.23 2.77
N LEU A 232 -14.96 -17.33 4.04
CA LEU A 232 -15.90 -17.13 5.13
C LEU A 232 -16.34 -15.67 5.23
N PHE A 233 -15.38 -14.75 5.16
CA PHE A 233 -15.70 -13.33 5.22
C PHE A 233 -16.25 -12.80 3.90
N TYR A 234 -16.11 -13.56 2.81
CA TYR A 234 -16.56 -13.14 1.49
C TYR A 234 -18.00 -13.56 1.21
N LEU A 235 -18.45 -14.68 1.77
CA LEU A 235 -19.71 -15.28 1.38
C LEU A 235 -20.80 -15.17 2.45
N LYS A 236 -20.44 -14.81 3.68
CA LYS A 236 -21.37 -14.73 4.80
C LYS A 236 -22.39 -13.61 4.61
N PRO A 237 -23.68 -13.94 4.53
CA PRO A 237 -24.70 -12.90 4.32
C PRO A 237 -25.00 -12.15 5.60
N ASN A 238 -24.90 -10.82 5.54
CA ASN A 238 -25.21 -9.94 6.66
C ASN A 238 -26.31 -8.99 6.19
N TRP A 239 -27.57 -9.36 6.44
CA TRP A 239 -28.71 -8.57 5.95
C TRP A 239 -29.01 -7.36 6.82
N GLN A 240 -28.23 -7.12 7.88
CA GLN A 240 -28.44 -5.93 8.70
C GLN A 240 -27.85 -4.69 8.04
N LYS A 241 -26.98 -4.87 7.04
CA LYS A 241 -26.33 -3.73 6.42
C LYS A 241 -27.15 -3.11 5.29
N LEU A 242 -28.10 -3.85 4.72
CA LEU A 242 -28.82 -3.37 3.53
C LEU A 242 -29.86 -2.31 3.87
N LEU A 243 -30.20 -2.11 5.15
CA LEU A 243 -31.14 -1.06 5.51
C LEU A 243 -30.53 0.33 5.39
N GLU A 244 -29.21 0.43 5.40
CA GLU A 244 -28.53 1.71 5.20
C GLU A 244 -28.67 2.13 3.73
N THR A 245 -28.89 3.43 3.51
CA THR A 245 -29.02 3.92 2.14
C THR A 245 -27.68 4.07 1.45
N GLY A 246 -26.58 3.98 2.20
CA GLY A 246 -25.27 4.20 1.60
C GLY A 246 -24.78 3.00 0.80
N VAL A 247 -25.18 1.79 1.19
CA VAL A 247 -24.67 0.60 0.51
C VAL A 247 -25.41 0.37 -0.80
N TRP A 248 -26.58 0.98 -0.96
CA TRP A 248 -27.33 0.84 -2.20
C TRP A 248 -26.71 1.67 -3.31
N ILE A 249 -26.17 2.84 -2.98
CA ILE A 249 -25.61 3.73 -3.99
C ILE A 249 -24.21 3.26 -4.40
N ASP A 250 -23.43 2.75 -3.44
CA ASP A 250 -22.09 2.28 -3.74
C ASP A 250 -22.11 0.99 -4.56
N ALA A 251 -23.18 0.20 -4.42
CA ALA A 251 -23.33 -0.97 -5.25
C ALA A 251 -23.76 -0.58 -6.67
N ALA A 252 -24.50 0.51 -6.80
CA ALA A 252 -24.94 0.96 -8.12
C ALA A 252 -23.79 1.61 -8.88
N ALA A 253 -22.85 2.22 -8.16
CA ALA A 253 -21.71 2.86 -8.83
C ALA A 253 -20.67 1.82 -9.26
N GLN A 254 -20.72 0.63 -8.66
CA GLN A 254 -19.75 -0.40 -8.98
C GLN A 254 -20.04 -1.05 -10.33
N ILE A 255 -21.33 -1.24 -10.64
CA ILE A 255 -21.71 -1.84 -11.92
C ILE A 255 -21.49 -0.86 -13.06
N PHE A 256 -21.66 0.44 -12.77
CA PHE A 256 -21.43 1.45 -13.80
C PHE A 256 -19.94 1.64 -14.07
N PHE A 257 -19.10 1.45 -13.05
CA PHE A 257 -17.66 1.61 -13.25
C PHE A 257 -17.04 0.38 -13.88
N SER A 258 -17.66 -0.79 -13.68
CA SER A 258 -17.13 -2.03 -14.22
C SER A 258 -17.36 -2.14 -15.72
N LEU A 259 -18.61 -2.01 -16.15
CA LEU A 259 -18.93 -2.11 -17.57
C LEU A 259 -18.48 -0.85 -18.31
N GLY A 260 -18.81 0.33 -17.76
CA GLY A 260 -18.49 1.60 -18.36
C GLY A 260 -19.17 1.89 -19.69
N PRO A 261 -20.49 2.13 -19.67
CA PRO A 261 -21.18 2.47 -20.91
C PRO A 261 -21.26 3.98 -21.13
N GLY A 262 -21.63 4.35 -22.35
CA GLY A 262 -21.86 5.74 -22.70
C GLY A 262 -20.63 6.59 -22.89
N PHE A 263 -19.43 6.03 -22.73
CA PHE A 263 -18.22 6.83 -22.84
C PHE A 263 -17.79 7.04 -24.29
N GLY A 264 -18.45 6.39 -25.23
CA GLY A 264 -18.11 6.51 -26.64
C GLY A 264 -17.15 5.46 -27.15
N VAL A 265 -16.54 4.68 -26.25
CA VAL A 265 -15.55 3.69 -26.66
C VAL A 265 -16.21 2.52 -27.37
N LEU A 266 -17.38 2.09 -26.89
CA LEU A 266 -17.98 0.86 -27.36
C LEU A 266 -18.81 1.07 -28.63
N LEU A 267 -19.28 2.30 -28.88
CA LEU A 267 -20.11 2.54 -30.07
C LEU A 267 -19.25 2.52 -31.35
N ALA A 268 -17.93 2.61 -31.21
CA ALA A 268 -17.06 2.43 -32.38
C ALA A 268 -17.02 0.98 -32.83
N PHE A 269 -17.36 0.03 -31.95
CA PHE A 269 -17.40 -1.37 -32.34
C PHE A 269 -18.63 -1.66 -33.21
N ALA A 270 -19.78 -1.09 -32.85
CA ALA A 270 -21.00 -1.33 -33.60
C ALA A 270 -21.07 -0.51 -34.88
N SER A 271 -20.20 0.48 -35.04
CA SER A 271 -20.22 1.31 -36.24
C SER A 271 -19.68 0.54 -37.44
N TYR A 272 -18.64 -0.25 -37.24
CA TYR A 272 -18.05 -1.08 -38.30
C TYR A 272 -18.67 -2.47 -38.31
N ASN A 273 -19.99 -2.55 -38.40
CA ASN A 273 -20.68 -3.84 -38.35
C ASN A 273 -21.90 -3.79 -39.25
N LYS A 274 -22.32 -4.96 -39.72
CA LYS A 274 -23.55 -5.09 -40.48
C LYS A 274 -24.76 -4.89 -39.56
N PHE A 275 -25.90 -4.59 -40.17
CA PHE A 275 -27.11 -4.30 -39.41
C PHE A 275 -27.95 -5.54 -39.12
N ASN A 276 -27.59 -6.69 -39.66
CA ASN A 276 -28.41 -7.89 -39.54
C ASN A 276 -28.16 -8.69 -38.27
N ASN A 277 -27.14 -8.34 -37.49
CA ASN A 277 -26.82 -9.13 -36.30
C ASN A 277 -27.79 -8.84 -35.17
N ASN A 278 -28.03 -9.86 -34.35
CA ASN A 278 -28.90 -9.72 -33.19
C ASN A 278 -28.14 -9.00 -32.08
N CYS A 279 -28.52 -7.75 -31.82
CA CYS A 279 -27.86 -6.98 -30.76
C CYS A 279 -28.34 -7.38 -29.37
N TYR A 280 -29.47 -8.07 -29.27
CA TYR A 280 -29.96 -8.53 -27.97
C TYR A 280 -29.08 -9.66 -27.42
N GLN A 281 -28.70 -10.59 -28.28
CA GLN A 281 -27.87 -11.70 -27.83
C GLN A 281 -26.41 -11.27 -27.65
N ASP A 282 -25.98 -10.25 -28.39
CA ASP A 282 -24.60 -9.80 -28.28
C ASP A 282 -24.37 -8.97 -27.02
N ALA A 283 -25.42 -8.36 -26.49
CA ALA A 283 -25.29 -7.53 -25.29
C ALA A 283 -25.63 -8.29 -24.01
N LEU A 284 -26.42 -9.36 -24.13
CA LEU A 284 -26.82 -10.09 -22.93
C LEU A 284 -25.71 -10.99 -22.41
N VAL A 285 -24.91 -11.58 -23.31
CA VAL A 285 -23.88 -12.50 -22.85
C VAL A 285 -22.70 -11.75 -22.25
N THR A 286 -22.50 -10.50 -22.64
CA THR A 286 -21.36 -9.73 -22.14
C THR A 286 -21.58 -9.29 -20.69
N SER A 287 -22.80 -8.85 -20.36
CA SER A 287 -23.07 -8.40 -18.99
C SER A 287 -23.19 -9.58 -18.03
N VAL A 288 -23.54 -10.77 -18.55
CA VAL A 288 -23.65 -11.95 -17.70
C VAL A 288 -22.27 -12.46 -17.30
N VAL A 289 -21.34 -12.53 -18.25
CA VAL A 289 -20.03 -13.12 -17.96
C VAL A 289 -19.18 -12.14 -17.16
N ASN A 290 -19.50 -10.85 -17.20
CA ASN A 290 -18.71 -9.87 -16.46
C ASN A 290 -18.98 -9.95 -14.97
N CYS A 291 -20.19 -10.36 -14.59
CA CYS A 291 -20.42 -10.73 -13.19
C CYS A 291 -19.75 -12.05 -12.85
N MET A 292 -19.60 -12.94 -13.85
CA MET A 292 -18.93 -14.21 -13.61
C MET A 292 -17.42 -14.03 -13.47
N THR A 293 -16.83 -13.07 -14.19
CA THR A 293 -15.41 -12.81 -14.04
C THR A 293 -15.10 -12.15 -12.70
N SER A 294 -15.96 -11.22 -12.27
CA SER A 294 -15.73 -10.54 -11.00
C SER A 294 -16.02 -11.46 -9.81
N PHE A 295 -16.79 -12.53 -10.02
CA PHE A 295 -17.00 -13.52 -8.97
C PHE A 295 -15.84 -14.49 -8.91
N VAL A 296 -15.27 -14.84 -10.06
CA VAL A 296 -14.11 -15.74 -10.09
C VAL A 296 -12.86 -15.01 -9.62
N SER A 297 -12.66 -13.76 -10.04
CA SER A 297 -11.46 -13.03 -9.65
C SER A 297 -11.50 -12.54 -8.20
N GLY A 298 -12.63 -12.69 -7.50
CA GLY A 298 -12.67 -12.42 -6.08
C GLY A 298 -12.19 -13.63 -5.29
N PHE A 299 -12.21 -14.80 -5.93
CA PHE A 299 -11.75 -16.02 -5.27
C PHE A 299 -10.23 -16.11 -5.26
N VAL A 300 -9.56 -15.53 -6.26
CA VAL A 300 -8.11 -15.70 -6.38
C VAL A 300 -7.37 -14.69 -5.51
N ILE A 301 -8.09 -13.72 -4.94
CA ILE A 301 -7.45 -12.74 -4.06
C ILE A 301 -7.72 -13.04 -2.59
N PHE A 302 -8.96 -13.41 -2.26
CA PHE A 302 -9.34 -13.56 -0.86
C PHE A 302 -8.83 -14.88 -0.27
N THR A 303 -8.57 -15.89 -1.12
CA THR A 303 -8.01 -17.13 -0.62
C THR A 303 -6.54 -16.99 -0.26
N VAL A 304 -5.85 -16.02 -0.89
CA VAL A 304 -4.44 -15.82 -0.60
C VAL A 304 -4.23 -14.92 0.62
N LEU A 305 -5.06 -13.90 0.79
CA LEU A 305 -4.92 -13.04 1.96
C LEU A 305 -5.44 -13.71 3.23
N GLY A 306 -6.19 -14.80 3.09
CA GLY A 306 -6.53 -15.61 4.24
C GLY A 306 -5.32 -16.31 4.83
N TYR A 307 -4.33 -16.62 3.99
CA TYR A 307 -3.06 -17.12 4.50
C TYR A 307 -2.27 -16.02 5.19
N MET A 308 -2.43 -14.77 4.73
CA MET A 308 -1.82 -13.63 5.42
C MET A 308 -2.49 -13.39 6.77
N ALA A 309 -3.76 -13.77 6.90
CA ALA A 309 -4.42 -13.69 8.20
C ALA A 309 -3.93 -14.78 9.13
N GLU A 310 -3.39 -15.87 8.58
CA GLU A 310 -2.83 -16.93 9.42
C GLU A 310 -1.45 -16.58 9.94
N MET A 311 -0.59 -16.04 9.09
CA MET A 311 0.79 -15.78 9.49
C MET A 311 0.92 -14.49 10.30
N ARG A 312 0.24 -13.42 9.89
CA ARG A 312 0.29 -12.17 10.65
C ARG A 312 -0.64 -12.19 11.86
N ASN A 313 -1.57 -13.14 11.89
CA ASN A 313 -2.47 -13.41 13.03
C ASN A 313 -3.37 -12.21 13.35
N GLU A 314 -4.10 -11.76 12.33
CA GLU A 314 -5.17 -10.80 12.51
C GLU A 314 -6.37 -11.20 11.67
N ASP A 315 -7.40 -10.36 11.70
CA ASP A 315 -8.57 -10.53 10.85
C ASP A 315 -8.23 -10.08 9.43
N VAL A 316 -9.02 -10.56 8.46
CA VAL A 316 -8.79 -10.20 7.06
C VAL A 316 -9.15 -8.74 6.79
N SER A 317 -9.98 -8.14 7.65
CA SER A 317 -10.27 -6.73 7.49
C SER A 317 -9.11 -5.85 7.96
N GLU A 318 -8.32 -6.36 8.90
CA GLU A 318 -7.16 -5.61 9.39
C GLU A 318 -6.02 -5.61 8.38
N VAL A 319 -5.81 -6.73 7.68
CA VAL A 319 -4.74 -6.79 6.68
C VAL A 319 -5.15 -6.06 5.40
N ALA A 320 -6.45 -5.84 5.22
CA ALA A 320 -6.96 -5.15 4.04
C ALA A 320 -7.60 -3.82 4.43
N LYS A 321 -6.94 -3.09 5.33
CA LYS A 321 -7.50 -1.82 5.81
C LYS A 321 -7.37 -0.72 4.77
N ASP A 322 -6.48 -0.89 3.78
CA ASP A 322 -6.32 0.10 2.73
C ASP A 322 -7.50 0.05 1.76
N ALA A 323 -7.69 1.15 1.03
CA ALA A 323 -8.79 1.28 0.07
C ALA A 323 -8.26 2.03 -1.16
N GLY A 324 -7.98 1.29 -2.22
CA GLY A 324 -7.48 1.88 -3.44
C GLY A 324 -6.67 0.91 -4.27
N PRO A 325 -5.77 1.44 -5.11
CA PRO A 325 -4.94 0.56 -5.96
C PRO A 325 -3.82 -0.13 -5.21
N SER A 326 -3.63 0.14 -3.92
CA SER A 326 -2.52 -0.46 -3.17
C SER A 326 -2.83 -1.88 -2.69
N LEU A 327 -3.99 -2.43 -3.03
CA LEU A 327 -4.34 -3.77 -2.57
C LEU A 327 -3.55 -4.84 -3.32
N LEU A 328 -3.06 -4.54 -4.52
CA LEU A 328 -2.37 -5.54 -5.33
C LEU A 328 -0.87 -5.53 -5.10
N PHE A 329 -0.28 -4.36 -4.85
CA PHE A 329 1.17 -4.22 -4.82
C PHE A 329 1.77 -4.23 -3.43
N ILE A 330 0.93 -4.23 -2.39
CA ILE A 330 1.42 -4.20 -1.01
C ILE A 330 1.05 -5.51 -0.32
N THR A 331 -0.25 -5.84 -0.33
CA THR A 331 -0.73 -7.01 0.38
C THR A 331 -0.57 -8.29 -0.45
N TYR A 332 -0.97 -8.22 -1.72
CA TYR A 332 -0.94 -9.42 -2.55
C TYR A 332 0.46 -9.69 -3.09
N ALA A 333 1.30 -8.65 -3.20
CA ALA A 333 2.62 -8.83 -3.79
C ALA A 333 3.56 -9.54 -2.83
N GLU A 334 3.40 -9.31 -1.53
CA GLU A 334 4.25 -9.97 -0.54
C GLU A 334 3.86 -11.42 -0.31
N ALA A 335 2.64 -11.80 -0.71
CA ALA A 335 2.20 -13.18 -0.48
C ALA A 335 2.79 -14.14 -1.51
N ILE A 336 3.15 -13.62 -2.68
CA ILE A 336 3.70 -14.48 -3.72
C ILE A 336 5.14 -14.87 -3.40
N ALA A 337 5.90 -13.98 -2.77
CA ALA A 337 7.32 -14.24 -2.52
C ALA A 337 7.54 -15.26 -1.43
N ASN A 338 6.54 -15.46 -0.56
CA ASN A 338 6.66 -16.46 0.51
C ASN A 338 6.27 -17.86 0.07
N MET A 339 5.84 -18.04 -1.17
CA MET A 339 5.43 -19.33 -1.70
C MET A 339 6.61 -20.07 -2.31
N PRO A 340 6.57 -21.40 -2.33
CA PRO A 340 7.56 -22.15 -3.11
C PRO A 340 7.32 -21.95 -4.60
N ALA A 341 8.41 -22.00 -5.37
CA ALA A 341 8.46 -21.65 -6.80
C ALA A 341 7.86 -20.27 -7.04
N SER A 342 8.41 -19.27 -6.34
CA SER A 342 7.86 -17.92 -6.39
C SER A 342 8.24 -17.18 -7.66
N THR A 343 9.22 -17.70 -8.41
CA THR A 343 9.65 -17.03 -9.63
C THR A 343 8.62 -17.21 -10.75
N PHE A 344 7.87 -18.31 -10.73
CA PHE A 344 6.89 -18.55 -11.79
C PHE A 344 5.58 -17.80 -11.53
N PHE A 345 5.14 -17.77 -10.27
CA PHE A 345 3.83 -17.19 -9.96
C PHE A 345 3.88 -15.67 -9.95
N ALA A 346 5.06 -15.08 -9.78
CA ALA A 346 5.16 -13.61 -9.73
C ALA A 346 5.08 -13.02 -11.13
N ILE A 347 5.55 -13.76 -12.14
CA ILE A 347 5.55 -13.23 -13.51
C ILE A 347 4.16 -13.30 -14.10
N ILE A 348 3.47 -14.43 -13.92
CA ILE A 348 2.17 -14.63 -14.55
C ILE A 348 1.09 -13.76 -13.91
N PHE A 349 1.29 -13.35 -12.66
CA PHE A 349 0.33 -12.45 -12.02
C PHE A 349 0.57 -11.00 -12.43
N PHE A 350 1.83 -10.57 -12.48
CA PHE A 350 2.10 -9.19 -12.81
C PHE A 350 2.06 -8.92 -14.31
N LEU A 351 2.06 -9.96 -15.13
CA LEU A 351 1.74 -9.79 -16.54
C LEU A 351 0.24 -9.81 -16.78
N MET A 352 -0.52 -10.41 -15.86
CA MET A 352 -1.98 -10.34 -15.93
C MET A 352 -2.47 -8.91 -15.69
N LEU A 353 -1.82 -8.19 -14.78
CA LEU A 353 -2.17 -6.78 -14.56
C LEU A 353 -1.71 -5.92 -15.74
N ILE A 354 -0.74 -6.39 -16.52
CA ILE A 354 -0.33 -5.68 -17.73
C ILE A 354 -1.40 -5.81 -18.80
N THR A 355 -1.86 -7.04 -19.06
CA THR A 355 -2.70 -7.28 -20.24
C THR A 355 -4.13 -6.79 -20.01
N LEU A 356 -4.59 -6.74 -18.76
CA LEU A 356 -5.93 -6.23 -18.49
C LEU A 356 -5.98 -4.71 -18.60
N GLY A 357 -4.84 -4.04 -18.49
CA GLY A 357 -4.82 -2.60 -18.64
C GLY A 357 -4.74 -2.17 -20.10
N LEU A 358 -4.05 -2.95 -20.92
CA LEU A 358 -3.83 -2.54 -22.31
C LEU A 358 -5.04 -2.83 -23.19
N ASP A 359 -5.96 -3.70 -22.76
CA ASP A 359 -7.18 -3.90 -23.54
C ASP A 359 -8.10 -2.68 -23.45
N SER A 360 -8.09 -1.98 -22.32
CA SER A 360 -8.94 -0.81 -22.17
C SER A 360 -8.37 0.40 -22.93
N THR A 361 -7.05 0.52 -23.01
CA THR A 361 -6.45 1.61 -23.75
C THR A 361 -6.17 1.25 -25.21
N PHE A 362 -6.35 -0.01 -25.61
CA PHE A 362 -6.43 -0.32 -27.03
C PHE A 362 -7.66 0.31 -27.66
N ALA A 363 -8.83 0.13 -27.06
CA ALA A 363 -10.08 0.60 -27.63
C ALA A 363 -10.34 2.06 -27.34
N GLY A 364 -9.74 2.61 -26.28
CA GLY A 364 -9.98 4.01 -25.94
C GLY A 364 -9.36 4.97 -26.94
N LEU A 365 -8.27 4.54 -27.59
CA LEU A 365 -7.68 5.37 -28.64
C LEU A 365 -8.44 5.27 -29.95
N GLU A 366 -9.24 4.22 -30.15
CA GLU A 366 -10.02 4.13 -31.37
C GLU A 366 -11.22 5.07 -31.33
N GLY A 367 -11.75 5.35 -30.14
CA GLY A 367 -12.93 6.18 -30.04
C GLY A 367 -12.66 7.66 -30.30
N VAL A 368 -11.41 8.09 -30.13
CA VAL A 368 -11.10 9.50 -30.33
C VAL A 368 -10.60 9.77 -31.75
N ILE A 369 -10.10 8.75 -32.44
CA ILE A 369 -9.61 8.96 -33.80
C ILE A 369 -10.75 8.78 -34.81
N THR A 370 -11.80 8.06 -34.41
CA THR A 370 -12.95 7.90 -35.30
C THR A 370 -13.83 9.14 -35.30
N ALA A 371 -13.76 9.95 -34.25
CA ALA A 371 -14.63 11.12 -34.15
C ALA A 371 -14.20 12.24 -35.09
N VAL A 372 -12.90 12.49 -35.20
CA VAL A 372 -12.44 13.66 -35.96
C VAL A 372 -12.52 13.40 -37.46
N LEU A 373 -12.65 12.14 -37.88
CA LEU A 373 -12.61 11.79 -39.29
C LEU A 373 -13.92 12.09 -40.03
N ASP A 374 -15.07 11.73 -39.46
CA ASP A 374 -16.32 11.80 -40.22
C ASP A 374 -16.94 13.20 -40.18
N GLU A 375 -16.70 13.95 -39.09
CA GLU A 375 -17.27 15.29 -39.01
C GLU A 375 -16.54 16.26 -39.93
N PHE A 376 -15.23 16.11 -40.07
CA PHE A 376 -14.41 16.96 -40.94
C PHE A 376 -13.78 16.07 -42.02
N PRO A 377 -14.48 15.84 -43.13
CA PRO A 377 -13.91 15.00 -44.18
C PRO A 377 -12.82 15.73 -44.95
N HIS A 378 -11.76 14.98 -45.29
CA HIS A 378 -10.58 15.43 -46.03
C HIS A 378 -9.84 16.58 -45.35
N VAL A 379 -9.95 16.69 -44.03
CA VAL A 379 -9.23 17.68 -43.24
C VAL A 379 -8.33 17.03 -42.20
N TRP A 380 -8.90 16.16 -41.37
CA TRP A 380 -8.17 15.38 -40.40
C TRP A 380 -8.17 13.91 -40.81
N ALA A 381 -7.08 13.21 -40.44
CA ALA A 381 -6.85 11.80 -40.73
C ALA A 381 -6.90 11.49 -42.22
N LYS A 382 -6.30 12.37 -43.03
CA LYS A 382 -6.12 12.07 -44.45
C LYS A 382 -5.09 10.96 -44.63
N ARG A 383 -4.02 10.99 -43.83
CA ARG A 383 -3.04 9.91 -43.74
C ARG A 383 -3.19 9.32 -42.34
N ARG A 384 -3.68 8.08 -42.26
CA ARG A 384 -3.99 7.49 -40.96
C ARG A 384 -2.74 7.08 -40.19
N GLU A 385 -1.59 6.96 -40.87
CA GLU A 385 -0.36 6.60 -40.17
C GLU A 385 0.25 7.79 -39.45
N ARG A 386 -0.10 9.02 -39.85
CA ARG A 386 0.51 10.22 -39.29
C ARG A 386 -0.38 10.91 -38.26
N PHE A 387 -1.70 10.89 -38.49
CA PHE A 387 -2.60 11.67 -37.64
C PHE A 387 -2.86 11.01 -36.30
N VAL A 388 -2.74 9.67 -36.22
CA VAL A 388 -2.88 9.03 -34.92
C VAL A 388 -1.58 9.11 -34.14
N LEU A 389 -0.48 9.44 -34.82
CA LEU A 389 0.79 9.68 -34.14
C LEU A 389 0.77 11.00 -33.38
N ALA A 390 -0.04 11.96 -33.85
CA ALA A 390 -0.18 13.22 -33.13
C ALA A 390 -1.06 13.06 -31.90
N VAL A 391 -1.87 12.00 -31.84
CA VAL A 391 -2.73 11.79 -30.69
C VAL A 391 -1.96 11.17 -29.53
N VAL A 392 -1.04 10.26 -29.84
CA VAL A 392 -0.37 9.48 -28.80
C VAL A 392 0.69 10.31 -28.10
N ILE A 393 1.20 11.35 -28.77
CA ILE A 393 2.24 12.16 -28.15
C ILE A 393 1.64 13.17 -27.16
N THR A 394 0.36 13.51 -27.33
CA THR A 394 -0.27 14.48 -26.42
C THR A 394 -0.54 13.86 -25.05
N CYS A 395 -0.97 12.59 -25.02
CA CYS A 395 -1.15 11.92 -23.74
C CYS A 395 0.18 11.50 -23.15
N PHE A 396 1.23 11.42 -23.97
CA PHE A 396 2.57 11.16 -23.44
C PHE A 396 3.10 12.38 -22.70
N PHE A 397 2.99 13.57 -23.31
CA PHE A 397 3.42 14.78 -22.64
C PHE A 397 2.44 15.19 -21.54
N GLY A 398 1.18 14.79 -21.65
CA GLY A 398 0.23 15.08 -20.60
C GLY A 398 0.42 14.23 -19.35
N SER A 399 1.07 13.08 -19.50
CA SER A 399 1.32 12.19 -18.38
C SER A 399 2.58 12.56 -17.60
N LEU A 400 3.25 13.66 -17.95
CA LEU A 400 4.47 14.06 -17.24
C LEU A 400 4.16 14.56 -15.83
N VAL A 401 2.93 15.00 -15.57
CA VAL A 401 2.54 15.41 -14.23
C VAL A 401 2.26 14.18 -13.36
N THR A 402 2.09 13.01 -13.98
CA THR A 402 1.82 11.79 -13.23
C THR A 402 3.07 10.94 -13.00
N LEU A 403 4.14 11.17 -13.77
CA LEU A 403 5.40 10.47 -13.57
C LEU A 403 6.35 11.20 -12.62
N THR A 404 5.85 12.12 -11.81
CA THR A 404 6.68 12.89 -10.91
C THR A 404 7.03 12.07 -9.66
N PHE A 405 7.81 12.70 -8.77
CA PHE A 405 8.12 12.08 -7.49
C PHE A 405 6.91 12.14 -6.56
N GLY A 406 6.03 13.10 -6.75
CA GLY A 406 4.74 13.11 -6.05
C GLY A 406 3.64 12.60 -6.96
N GLY A 407 3.95 11.56 -7.74
CA GLY A 407 3.00 11.08 -8.73
C GLY A 407 1.86 10.30 -8.10
N ALA A 408 2.06 9.77 -6.90
CA ALA A 408 1.00 9.02 -6.23
C ALA A 408 -0.12 9.93 -5.74
N TYR A 409 0.17 11.21 -5.47
CA TYR A 409 -0.86 12.11 -4.99
C TYR A 409 -1.77 12.59 -6.12
N VAL A 410 -1.23 12.71 -7.33
CA VAL A 410 -2.01 13.27 -8.42
C VAL A 410 -2.92 12.21 -9.06
N VAL A 411 -2.58 10.92 -8.93
CA VAL A 411 -3.44 9.88 -9.48
C VAL A 411 -4.61 9.60 -8.55
N LYS A 412 -4.50 10.02 -7.29
CA LYS A 412 -5.60 9.85 -6.36
C LYS A 412 -6.67 10.92 -6.55
N LEU A 413 -6.27 12.16 -6.86
CA LEU A 413 -7.24 13.23 -7.05
C LEU A 413 -7.87 13.16 -8.42
N LEU A 414 -7.16 12.61 -9.40
CA LEU A 414 -7.67 12.56 -10.77
C LEU A 414 -8.58 11.35 -11.01
N GLU A 415 -8.40 10.26 -10.26
CA GLU A 415 -9.27 9.11 -10.39
C GLU A 415 -10.64 9.37 -9.79
N GLU A 416 -10.68 9.88 -8.55
CA GLU A 416 -11.91 10.02 -7.79
C GLU A 416 -12.57 11.38 -7.96
N TYR A 417 -11.82 12.47 -7.83
CA TYR A 417 -12.43 13.79 -7.85
C TYR A 417 -12.62 14.33 -9.27
N ALA A 418 -11.69 14.04 -10.17
CA ALA A 418 -11.74 14.61 -11.52
C ALA A 418 -12.49 13.72 -12.49
N THR A 419 -12.01 12.50 -12.71
CA THR A 419 -12.65 11.59 -13.65
C THR A 419 -13.77 10.78 -13.01
N GLY A 420 -13.99 10.93 -11.71
CA GLY A 420 -15.04 10.24 -11.00
C GLY A 420 -16.43 10.71 -11.40
N PRO A 421 -16.80 11.94 -11.03
CA PRO A 421 -18.12 12.45 -11.43
C PRO A 421 -18.19 12.90 -12.88
N ALA A 422 -17.07 12.95 -13.61
CA ALA A 422 -17.10 13.37 -15.00
C ALA A 422 -17.74 12.33 -15.89
N VAL A 423 -17.52 11.04 -15.60
CA VAL A 423 -18.06 9.98 -16.44
C VAL A 423 -19.56 9.80 -16.21
N LEU A 424 -20.09 10.22 -15.05
CA LEU A 424 -21.53 10.15 -14.84
C LEU A 424 -22.25 11.31 -15.51
N THR A 425 -21.64 12.50 -15.49
CA THR A 425 -22.30 13.68 -16.03
C THR A 425 -22.35 13.66 -17.56
N VAL A 426 -21.37 13.00 -18.19
CA VAL A 426 -21.41 12.88 -19.64
C VAL A 426 -22.36 11.76 -20.05
N ALA A 427 -22.63 10.82 -19.14
CA ALA A 427 -23.48 9.69 -19.49
C ALA A 427 -24.95 9.95 -19.15
N LEU A 428 -25.22 10.86 -18.21
CA LEU A 428 -26.62 11.18 -17.91
C LEU A 428 -27.18 12.13 -18.94
N ILE A 429 -26.34 13.01 -19.50
CA ILE A 429 -26.82 13.99 -20.46
C ILE A 429 -27.11 13.35 -21.81
N GLU A 430 -26.47 12.21 -22.12
CA GLU A 430 -26.78 11.51 -23.35
C GLU A 430 -27.96 10.56 -23.17
N ALA A 431 -28.30 10.24 -21.92
CA ALA A 431 -29.41 9.34 -21.67
C ALA A 431 -30.76 10.04 -21.85
N VAL A 432 -30.82 11.34 -21.55
CA VAL A 432 -32.05 12.09 -21.73
C VAL A 432 -32.15 12.62 -23.16
N ALA A 433 -31.02 12.66 -23.87
CA ALA A 433 -31.02 13.17 -25.24
C ALA A 433 -31.69 12.20 -26.19
N VAL A 434 -31.45 10.90 -26.02
CA VAL A 434 -32.09 9.90 -26.87
C VAL A 434 -33.50 9.57 -26.40
N SER A 435 -33.75 9.60 -25.09
CA SER A 435 -35.04 9.18 -24.55
C SER A 435 -36.10 10.27 -24.69
N TRP A 436 -35.86 11.45 -24.11
CA TRP A 436 -36.88 12.48 -24.09
C TRP A 436 -36.86 13.35 -25.35
N PHE A 437 -35.68 13.84 -25.73
CA PHE A 437 -35.59 14.80 -26.83
C PHE A 437 -35.74 14.11 -28.19
N TYR A 438 -35.04 12.99 -28.38
CA TYR A 438 -35.16 12.26 -29.65
C TYR A 438 -36.47 11.49 -29.72
N GLY A 439 -37.00 11.06 -28.58
CA GLY A 439 -38.27 10.37 -28.55
C GLY A 439 -38.16 8.87 -28.43
N ILE A 440 -38.87 8.28 -27.47
CA ILE A 440 -38.84 6.83 -27.30
C ILE A 440 -39.73 6.15 -28.33
N THR A 441 -40.69 6.87 -28.90
CA THR A 441 -41.55 6.29 -29.92
C THR A 441 -40.80 6.16 -31.25
N GLN A 442 -39.83 7.03 -31.49
CA GLN A 442 -39.04 6.97 -32.72
C GLN A 442 -37.88 5.99 -32.59
N PHE A 443 -37.35 5.78 -31.38
CA PHE A 443 -36.13 5.02 -31.20
C PHE A 443 -36.36 3.52 -31.41
N CYS A 444 -37.53 3.01 -31.04
CA CYS A 444 -37.78 1.58 -31.19
C CYS A 444 -38.12 1.19 -32.62
N ARG A 445 -38.42 2.16 -33.47
CA ARG A 445 -38.71 1.86 -34.87
C ARG A 445 -37.45 1.48 -35.63
N ASP A 446 -36.31 2.04 -35.23
CA ASP A 446 -35.04 1.69 -35.87
C ASP A 446 -34.49 0.37 -35.37
N VAL A 447 -34.92 -0.09 -34.20
CA VAL A 447 -34.45 -1.38 -33.68
C VAL A 447 -35.21 -2.53 -34.31
N LYS A 448 -36.51 -2.36 -34.55
CA LYS A 448 -37.32 -3.45 -35.08
C LYS A 448 -37.12 -3.65 -36.58
N GLU A 449 -36.56 -2.66 -37.28
CA GLU A 449 -36.34 -2.83 -38.72
C GLU A 449 -35.05 -3.57 -39.00
N MET A 450 -34.09 -3.53 -38.07
CA MET A 450 -32.84 -4.27 -38.22
C MET A 450 -32.85 -5.62 -37.54
N LEU A 451 -33.85 -5.89 -36.69
CA LEU A 451 -33.98 -7.18 -36.01
C LEU A 451 -35.17 -7.98 -36.54
N GLY A 452 -36.36 -7.40 -36.54
CA GLY A 452 -37.54 -8.09 -37.04
C GLY A 452 -38.62 -8.25 -35.98
N PHE A 453 -38.41 -7.65 -34.82
CA PHE A 453 -39.37 -7.76 -33.73
C PHE A 453 -39.27 -6.52 -32.84
N SER A 454 -40.40 -6.17 -32.23
CA SER A 454 -40.47 -5.05 -31.32
C SER A 454 -39.94 -5.44 -29.94
N PRO A 455 -39.31 -4.52 -29.23
CA PRO A 455 -38.87 -4.81 -27.85
C PRO A 455 -40.05 -4.97 -26.91
N GLY A 456 -39.77 -5.62 -25.77
CA GLY A 456 -40.81 -5.96 -24.83
C GLY A 456 -41.26 -4.80 -23.96
N TRP A 457 -42.07 -5.15 -22.96
CA TRP A 457 -42.60 -4.14 -22.05
C TRP A 457 -41.55 -3.63 -21.08
N PHE A 458 -40.54 -4.45 -20.77
CA PHE A 458 -39.52 -4.05 -19.81
C PHE A 458 -38.56 -3.03 -20.40
N TRP A 459 -38.24 -3.16 -21.70
CA TRP A 459 -37.25 -2.29 -22.31
C TRP A 459 -37.81 -0.91 -22.61
N ARG A 460 -39.13 -0.78 -22.78
CA ARG A 460 -39.71 0.50 -23.18
C ARG A 460 -39.82 1.44 -21.98
N ILE A 461 -40.17 0.90 -20.82
CA ILE A 461 -40.37 1.75 -19.64
C ILE A 461 -39.03 2.11 -19.00
N CYS A 462 -38.05 1.20 -19.05
CA CYS A 462 -36.79 1.44 -18.35
C CYS A 462 -35.90 2.44 -19.10
N TRP A 463 -36.13 2.62 -20.40
CA TRP A 463 -35.31 3.56 -21.16
C TRP A 463 -35.71 5.01 -20.89
N VAL A 464 -36.94 5.24 -20.43
CA VAL A 464 -37.45 6.59 -20.26
C VAL A 464 -37.51 6.95 -18.78
N ALA A 465 -37.65 5.94 -17.91
CA ALA A 465 -37.86 6.16 -16.49
C ALA A 465 -36.69 5.69 -15.63
N ILE A 466 -36.24 4.45 -15.83
CA ILE A 466 -35.25 3.87 -14.92
C ILE A 466 -33.84 4.39 -15.20
N SER A 467 -33.42 4.33 -16.46
CA SER A 467 -32.06 4.74 -16.85
C SER A 467 -31.73 6.23 -16.70
N PRO A 468 -32.68 7.19 -16.79
CA PRO A 468 -32.33 8.53 -16.30
C PRO A 468 -32.27 8.61 -14.78
N LEU A 469 -33.14 7.88 -14.08
CA LEU A 469 -33.18 7.93 -12.62
C LEU A 469 -32.09 7.08 -11.98
N PHE A 470 -31.41 6.23 -12.75
CA PHE A 470 -30.37 5.38 -12.17
C PHE A 470 -29.11 6.17 -11.87
N LEU A 471 -28.74 7.09 -12.75
CA LEU A 471 -27.53 7.88 -12.58
C LEU A 471 -27.76 9.13 -11.75
N LEU A 472 -29.01 9.49 -11.46
CA LEU A 472 -29.28 10.71 -10.72
C LEU A 472 -29.02 10.51 -9.22
N PHE A 473 -29.31 9.32 -8.71
CA PHE A 473 -29.10 9.04 -7.29
C PHE A 473 -27.61 8.92 -6.95
N ILE A 474 -26.79 8.53 -7.93
CA ILE A 474 -25.37 8.34 -7.66
C ILE A 474 -24.64 9.68 -7.68
N ILE A 475 -25.05 10.58 -8.58
CA ILE A 475 -24.36 11.86 -8.69
C ILE A 475 -24.81 12.81 -7.58
N ALA A 476 -25.95 12.53 -6.95
CA ALA A 476 -26.44 13.42 -5.90
C ALA A 476 -25.73 13.18 -4.58
N SER A 477 -25.54 11.90 -4.21
CA SER A 477 -24.88 11.59 -2.94
C SER A 477 -23.38 11.77 -3.03
N PHE A 478 -22.83 11.79 -4.25
CA PHE A 478 -21.40 12.02 -4.40
C PHE A 478 -21.04 13.48 -4.14
N LEU A 479 -21.95 14.39 -4.50
CA LEU A 479 -21.76 15.82 -4.24
C LEU A 479 -22.48 16.20 -2.94
N MET A 480 -22.10 15.52 -1.87
CA MET A 480 -22.69 15.76 -0.56
C MET A 480 -21.65 16.30 0.41
N SER A 481 -20.54 15.59 0.55
CA SER A 481 -19.45 15.98 1.45
C SER A 481 -18.14 15.55 0.83
N PRO A 482 -17.13 16.42 0.76
CA PRO A 482 -15.83 16.03 0.21
C PRO A 482 -15.08 15.13 1.18
N PRO A 483 -14.70 13.93 0.74
CA PRO A 483 -13.94 13.03 1.62
C PRO A 483 -12.49 13.44 1.73
N GLN A 484 -11.82 12.90 2.75
CA GLN A 484 -10.41 13.16 2.99
C GLN A 484 -9.60 11.98 2.46
N LEU A 485 -8.95 12.18 1.32
CA LEU A 485 -8.15 11.14 0.68
C LEU A 485 -6.84 11.00 1.45
N ARG A 486 -6.75 9.99 2.30
CA ARG A 486 -5.57 9.73 3.11
C ARG A 486 -4.64 8.81 2.33
N LEU A 487 -3.41 9.29 2.09
CA LEU A 487 -2.42 8.55 1.32
C LEU A 487 -1.06 8.68 2.02
N PHE A 488 -0.70 7.66 2.79
CA PHE A 488 0.58 7.54 3.50
C PHE A 488 0.81 8.73 4.45
N GLN A 489 -0.09 8.81 5.46
CA GLN A 489 -0.10 9.78 6.57
C GLN A 489 0.06 11.24 6.13
N TYR A 490 -0.42 11.57 4.92
CA TYR A 490 -0.37 12.92 4.39
C TYR A 490 -1.80 13.39 4.12
N ASN A 491 -2.26 14.35 4.91
CA ASN A 491 -3.60 14.90 4.77
C ASN A 491 -3.60 16.03 3.74
N TYR A 492 -4.59 16.03 2.85
CA TYR A 492 -4.71 17.05 1.83
C TYR A 492 -5.26 18.33 2.44
N PRO A 493 -4.89 19.49 1.88
CA PRO A 493 -5.47 20.76 2.37
C PRO A 493 -6.93 20.94 1.98
N TYR A 494 -7.52 22.07 2.40
CA TYR A 494 -8.94 22.28 2.17
C TYR A 494 -9.24 22.65 0.73
N TRP A 495 -8.27 23.22 0.01
CA TRP A 495 -8.49 23.60 -1.38
C TRP A 495 -8.20 22.48 -2.37
N SER A 496 -8.00 21.24 -1.89
CA SER A 496 -7.79 20.12 -2.81
C SER A 496 -9.09 19.73 -3.51
N ILE A 497 -10.23 19.94 -2.86
CA ILE A 497 -11.52 19.69 -3.51
C ILE A 497 -11.83 20.80 -4.51
N ILE A 498 -11.27 22.00 -4.28
CA ILE A 498 -11.49 23.12 -5.19
C ILE A 498 -10.74 22.91 -6.50
N LEU A 499 -9.47 22.51 -6.42
CA LEU A 499 -8.70 22.22 -7.63
C LEU A 499 -9.14 20.89 -8.25
N GLY A 500 -9.67 19.98 -7.43
CA GLY A 500 -10.13 18.71 -7.96
C GLY A 500 -11.44 18.82 -8.71
N TYR A 501 -12.34 19.70 -8.25
CA TYR A 501 -13.59 19.90 -8.95
C TYR A 501 -13.42 20.77 -10.19
N ALA A 502 -12.44 21.68 -10.17
CA ALA A 502 -12.25 22.60 -11.30
C ALA A 502 -11.67 21.87 -12.51
N ILE A 503 -10.78 20.91 -12.28
CA ILE A 503 -10.28 20.10 -13.38
C ILE A 503 -11.33 19.07 -13.81
N GLY A 504 -12.25 18.73 -12.92
CA GLY A 504 -13.31 17.80 -13.28
C GLY A 504 -14.43 18.46 -14.07
N THR A 505 -14.72 19.73 -13.77
CA THR A 505 -15.80 20.43 -14.46
C THR A 505 -15.35 21.04 -15.78
N SER A 506 -14.06 20.93 -16.13
CA SER A 506 -13.57 21.48 -17.38
C SER A 506 -14.15 20.76 -18.59
N SER A 507 -14.44 19.46 -18.45
CA SER A 507 -15.21 18.77 -19.48
C SER A 507 -16.70 19.00 -19.32
N PHE A 508 -17.16 19.24 -18.08
CA PHE A 508 -18.58 19.45 -17.85
C PHE A 508 -19.02 20.87 -18.21
N ILE A 509 -18.08 21.81 -18.29
CA ILE A 509 -18.41 23.16 -18.76
C ILE A 509 -18.49 23.24 -20.27
N CYS A 510 -18.05 22.20 -20.98
CA CYS A 510 -18.08 22.22 -22.44
C CYS A 510 -19.50 22.05 -22.99
N ILE A 511 -20.33 21.28 -22.31
CA ILE A 511 -21.69 21.03 -22.79
C ILE A 511 -22.64 22.22 -22.65
N PRO A 512 -22.64 23.09 -21.62
CA PRO A 512 -23.46 24.30 -21.74
C PRO A 512 -22.87 25.35 -22.67
N THR A 513 -21.59 25.24 -23.01
CA THR A 513 -20.99 26.15 -23.98
C THR A 513 -21.34 25.73 -25.40
N TYR A 514 -21.38 24.43 -25.66
CA TYR A 514 -21.64 23.95 -27.02
C TYR A 514 -23.11 24.04 -27.39
N ILE A 515 -24.01 24.07 -26.42
CA ILE A 515 -25.42 24.35 -26.73
C ILE A 515 -25.61 25.85 -26.98
N ALA A 516 -24.71 26.68 -26.43
CA ALA A 516 -24.80 28.11 -26.66
C ALA A 516 -24.08 28.52 -27.94
N TYR A 517 -23.22 27.63 -28.46
CA TYR A 517 -22.48 27.96 -29.67
C TYR A 517 -23.37 27.91 -30.90
N ARG A 518 -24.39 27.04 -30.89
CA ARG A 518 -25.22 26.86 -32.07
C ARG A 518 -26.41 27.81 -32.10
N LEU A 519 -26.90 28.24 -30.94
CA LEU A 519 -28.03 29.17 -30.92
C LEU A 519 -27.61 30.58 -31.34
N ILE A 520 -26.33 30.88 -31.37
CA ILE A 520 -25.84 32.17 -31.86
C ILE A 520 -25.73 32.18 -33.38
N ILE A 521 -25.12 31.14 -33.95
CA ILE A 521 -24.86 31.13 -35.39
C ILE A 521 -26.12 30.83 -36.19
N THR A 522 -27.08 30.13 -35.60
CA THR A 522 -28.32 29.83 -36.31
C THR A 522 -29.29 31.00 -36.15
N PRO A 523 -29.65 31.72 -37.22
CA PRO A 523 -30.49 32.91 -37.07
C PRO A 523 -31.97 32.59 -37.01
N GLY A 524 -32.79 33.63 -36.92
CA GLY A 524 -34.24 33.46 -36.96
C GLY A 524 -34.90 33.69 -35.60
N THR A 525 -36.15 33.26 -35.54
CA THR A 525 -36.95 33.35 -34.32
C THR A 525 -36.37 32.39 -33.27
N PHE A 526 -36.37 32.85 -32.01
CA PHE A 526 -35.74 32.11 -30.91
C PHE A 526 -36.40 30.76 -30.67
N LYS A 527 -37.67 30.61 -31.02
CA LYS A 527 -38.30 29.30 -30.96
C LYS A 527 -37.90 28.44 -32.17
N GLU A 528 -37.63 29.08 -33.31
CA GLU A 528 -37.38 28.31 -34.53
C GLU A 528 -35.93 27.85 -34.63
N ARG A 529 -34.98 28.64 -34.11
CA ARG A 529 -33.58 28.24 -34.19
C ARG A 529 -33.27 27.13 -33.19
N ILE A 530 -34.09 26.99 -32.15
CA ILE A 530 -33.92 25.86 -31.22
C ILE A 530 -34.48 24.58 -31.85
N ILE A 531 -35.70 24.63 -32.36
CA ILE A 531 -36.39 23.42 -32.83
C ILE A 531 -35.77 22.92 -34.14
N LYS A 532 -35.06 23.80 -34.86
CA LYS A 532 -34.28 23.35 -36.01
C LYS A 532 -33.10 22.50 -35.56
N SER A 533 -32.57 22.78 -34.37
CA SER A 533 -31.43 22.06 -33.82
C SER A 533 -31.83 20.94 -32.87
N ILE A 534 -33.08 20.49 -32.90
CA ILE A 534 -33.49 19.27 -32.20
C ILE A 534 -33.88 18.23 -33.23
N THR A 535 -34.63 18.64 -34.25
CA THR A 535 -35.05 17.74 -35.30
C THR A 535 -33.97 17.67 -36.37
N PRO A 536 -33.49 16.48 -36.73
CA PRO A 536 -32.44 16.38 -37.74
C PRO A 536 -32.98 16.61 -39.14
N GLU A 537 -32.07 16.67 -40.11
CA GLU A 537 -32.43 16.88 -41.50
C GLU A 537 -33.03 15.61 -42.11
N GLU B 1 10.97 1.58 32.96
CA GLU B 1 10.49 2.66 33.79
C GLU B 1 9.16 3.22 33.27
N VAL B 2 8.34 2.32 32.72
CA VAL B 2 7.02 2.70 32.21
C VAL B 2 6.08 2.97 33.38
N GLN B 3 5.55 4.18 33.45
CA GLN B 3 4.67 4.59 34.53
C GLN B 3 3.54 5.44 33.97
N LEU B 4 2.32 5.17 34.44
CA LEU B 4 1.13 5.90 34.03
C LEU B 4 0.51 6.52 35.26
N GLN B 5 0.54 7.85 35.35
CA GLN B 5 -0.06 8.55 36.48
C GLN B 5 -1.57 8.62 36.32
N GLN B 6 -2.27 8.62 37.45
CA GLN B 6 -3.73 8.66 37.47
C GLN B 6 -4.20 9.82 38.31
N SER B 7 -5.30 10.43 37.90
CA SER B 7 -5.90 11.54 38.62
C SER B 7 -6.78 11.03 39.76
N GLY B 8 -7.23 11.97 40.60
CA GLY B 8 -8.07 11.62 41.72
C GLY B 8 -9.51 11.41 41.31
N PRO B 9 -10.27 10.75 42.18
CA PRO B 9 -11.68 10.50 41.90
C PRO B 9 -12.53 11.75 42.14
N GLU B 10 -13.76 11.70 41.65
CA GLU B 10 -14.69 12.81 41.78
C GLU B 10 -16.11 12.28 41.70
N LEU B 11 -17.04 13.04 42.28
CA LEU B 11 -18.47 12.70 42.29
C LEU B 11 -19.18 13.64 41.31
N VAL B 12 -19.68 13.08 40.21
CA VAL B 12 -20.31 13.87 39.16
C VAL B 12 -21.80 13.53 39.12
N LYS B 13 -22.62 14.58 38.96
CA LYS B 13 -24.04 14.40 38.78
C LYS B 13 -24.33 13.69 37.46
N PRO B 14 -25.30 12.77 37.44
CA PRO B 14 -25.66 12.09 36.18
C PRO B 14 -26.23 13.05 35.15
N GLY B 15 -25.84 12.85 33.90
CA GLY B 15 -26.20 13.74 32.82
C GLY B 15 -25.14 14.75 32.45
N ALA B 16 -24.19 15.02 33.35
CA ALA B 16 -23.13 15.98 33.09
C ALA B 16 -21.93 15.28 32.45
N SER B 17 -20.90 16.08 32.17
CA SER B 17 -19.68 15.57 31.55
C SER B 17 -18.61 15.30 32.60
N VAL B 18 -17.67 14.44 32.25
CA VAL B 18 -16.55 14.06 33.12
C VAL B 18 -15.26 14.19 32.32
N LYS B 19 -14.15 14.38 33.03
CA LYS B 19 -12.84 14.49 32.41
C LYS B 19 -11.87 13.56 33.12
N ILE B 20 -11.21 12.69 32.36
CA ILE B 20 -10.26 11.72 32.89
C ILE B 20 -8.99 11.80 32.05
N SER B 21 -7.83 11.78 32.71
CA SER B 21 -6.56 11.91 32.03
C SER B 21 -5.53 10.96 32.66
N CYS B 22 -4.53 10.59 31.85
CA CYS B 22 -3.41 9.79 32.33
C CYS B 22 -2.21 10.11 31.45
N LYS B 23 -1.15 10.63 32.07
CA LYS B 23 0.04 11.04 31.34
C LYS B 23 0.94 9.84 31.06
N ALA B 24 1.37 9.72 29.81
CA ALA B 24 2.30 8.66 29.42
C ALA B 24 3.74 9.14 29.57
N SER B 25 4.61 8.24 30.03
CA SER B 25 6.00 8.58 30.26
C SER B 25 6.84 7.31 30.17
N GLY B 26 8.13 7.51 29.89
CA GLY B 26 9.07 6.40 29.79
C GLY B 26 9.20 5.80 28.41
N TYR B 27 8.43 6.26 27.44
CA TYR B 27 8.50 5.73 26.08
C TYR B 27 8.02 6.79 25.10
N THR B 28 8.20 6.50 23.82
CA THR B 28 7.79 7.43 22.77
C THR B 28 6.27 7.37 22.61
N PHE B 29 5.63 8.55 22.67
CA PHE B 29 4.18 8.61 22.66
C PHE B 29 3.60 8.28 21.27
N THR B 30 4.36 8.53 20.20
CA THR B 30 3.87 8.27 18.86
C THR B 30 4.12 6.84 18.39
N ASP B 31 4.92 6.06 19.13
CA ASP B 31 5.21 4.70 18.72
C ASP B 31 4.14 3.71 19.15
N TYR B 32 3.35 4.03 20.17
CA TYR B 32 2.33 3.13 20.69
C TYR B 32 0.99 3.84 20.74
N TYR B 33 -0.08 3.06 20.81
CA TYR B 33 -1.42 3.60 20.92
C TYR B 33 -1.73 3.99 22.37
N MET B 34 -2.97 4.41 22.59
CA MET B 34 -3.45 4.81 23.92
C MET B 34 -4.84 4.22 24.08
N ASN B 35 -4.91 3.02 24.66
CA ASN B 35 -6.16 2.28 24.77
C ASN B 35 -6.74 2.40 26.18
N TRP B 36 -8.06 2.33 26.26
CA TRP B 36 -8.80 2.48 27.51
C TRP B 36 -9.57 1.20 27.78
N VAL B 37 -9.52 0.74 29.03
CA VAL B 37 -10.17 -0.51 29.43
C VAL B 37 -11.16 -0.22 30.55
N LYS B 38 -12.41 -0.61 30.33
CA LYS B 38 -13.47 -0.46 31.32
C LYS B 38 -13.37 -1.57 32.36
N GLN B 39 -13.50 -1.19 33.63
CA GLN B 39 -13.53 -2.13 34.74
C GLN B 39 -14.86 -1.93 35.46
N SER B 40 -15.85 -2.73 35.08
CA SER B 40 -17.18 -2.61 35.68
C SER B 40 -17.17 -3.14 37.11
N HIS B 41 -18.10 -2.65 37.92
CA HIS B 41 -18.14 -2.97 39.34
C HIS B 41 -18.65 -4.40 39.55
N GLY B 42 -17.77 -5.27 40.03
CA GLY B 42 -18.15 -6.62 40.36
C GLY B 42 -18.37 -7.54 39.19
N LYS B 43 -17.87 -7.20 38.01
CA LYS B 43 -18.04 -8.02 36.82
C LYS B 43 -16.74 -8.00 36.01
N SER B 44 -16.84 -8.44 34.76
CA SER B 44 -15.66 -8.61 33.92
C SER B 44 -15.22 -7.29 33.30
N LEU B 45 -14.22 -7.38 32.43
CA LEU B 45 -13.67 -6.20 31.75
C LEU B 45 -14.47 -5.92 30.47
N GLU B 46 -14.37 -4.67 30.01
CA GLU B 46 -15.02 -4.26 28.77
C GLU B 46 -14.07 -3.36 27.99
N TRP B 47 -14.16 -3.42 26.66
CA TRP B 47 -13.35 -2.56 25.82
C TRP B 47 -14.07 -1.25 25.53
N ILE B 48 -13.30 -0.17 25.42
CA ILE B 48 -13.83 1.18 25.24
C ILE B 48 -13.58 1.71 23.83
N GLY B 49 -12.31 1.86 23.46
CA GLY B 49 -11.99 2.41 22.15
C GLY B 49 -10.51 2.72 22.04
N ASN B 50 -10.07 2.92 20.80
CA ASN B 50 -8.68 3.16 20.49
C ASN B 50 -8.55 4.47 19.72
N ILE B 51 -7.44 5.18 19.97
CA ILE B 51 -7.17 6.47 19.33
C ILE B 51 -5.85 6.34 18.56
N ASN B 52 -5.80 6.98 17.38
CA ASN B 52 -4.59 7.04 16.57
C ASN B 52 -3.93 8.40 16.77
N PRO B 53 -2.78 8.49 17.43
CA PRO B 53 -2.18 9.81 17.70
C PRO B 53 -1.54 10.45 16.47
N ASN B 54 -1.20 9.68 15.44
CA ASN B 54 -0.53 10.25 14.29
C ASN B 54 -1.50 10.96 13.34
N ASN B 55 -2.78 10.58 13.38
CA ASN B 55 -3.77 11.15 12.48
C ASN B 55 -4.99 11.76 13.18
N GLY B 56 -5.24 11.41 14.43
CA GLY B 56 -6.39 11.93 15.14
C GLY B 56 -7.66 11.12 15.02
N GLY B 57 -7.71 10.16 14.09
CA GLY B 57 -8.88 9.31 13.96
C GLY B 57 -8.98 8.31 15.09
N THR B 58 -10.19 7.78 15.28
CA THR B 58 -10.44 6.89 16.39
C THR B 58 -11.45 5.82 15.98
N SER B 59 -11.37 4.67 16.66
CA SER B 59 -12.35 3.60 16.53
C SER B 59 -12.79 3.17 17.92
N TYR B 60 -14.07 2.82 18.05
CA TYR B 60 -14.62 2.49 19.36
C TYR B 60 -15.74 1.48 19.18
N ASN B 61 -16.27 1.02 20.31
CA ASN B 61 -17.35 0.05 20.30
C ASN B 61 -18.66 0.71 19.88
N GLN B 62 -19.64 -0.13 19.53
CA GLN B 62 -20.94 0.38 19.09
C GLN B 62 -21.76 0.96 20.24
N LYS B 63 -21.43 0.62 21.49
CA LYS B 63 -22.15 1.19 22.61
C LYS B 63 -21.67 2.60 22.93
N PHE B 64 -20.49 2.98 22.43
CA PHE B 64 -19.97 4.33 22.60
C PHE B 64 -20.17 5.18 21.35
N LYS B 65 -21.27 5.00 20.63
CA LYS B 65 -21.51 5.75 19.41
C LYS B 65 -21.90 7.19 19.72
N GLY B 66 -22.77 7.40 20.70
CA GLY B 66 -23.18 8.74 21.08
C GLY B 66 -22.98 9.00 22.56
N LYS B 67 -21.92 8.41 23.12
CA LYS B 67 -21.62 8.53 24.54
C LYS B 67 -20.28 9.20 24.83
N ALA B 68 -19.22 8.84 24.11
CA ALA B 68 -17.89 9.31 24.44
C ALA B 68 -17.09 9.54 23.16
N THR B 69 -15.99 10.28 23.32
CA THR B 69 -15.04 10.55 22.25
C THR B 69 -13.63 10.31 22.76
N LEU B 70 -12.64 10.45 21.88
CA LEU B 70 -11.25 10.21 22.24
C LEU B 70 -10.35 11.23 21.54
N THR B 71 -9.70 12.07 22.34
CA THR B 71 -8.71 13.02 21.84
C THR B 71 -7.41 12.78 22.59
N VAL B 72 -6.30 13.22 21.98
CA VAL B 72 -4.97 13.16 22.57
C VAL B 72 -4.32 14.53 22.44
N ASP B 73 -3.13 14.66 23.04
CA ASP B 73 -2.38 15.90 22.99
C ASP B 73 -0.91 15.52 22.87
N LYS B 74 -0.27 15.92 21.77
CA LYS B 74 1.12 15.57 21.54
C LYS B 74 2.09 16.44 22.33
N SER B 75 1.67 17.65 22.71
CA SER B 75 2.58 18.56 23.40
C SER B 75 2.79 18.16 24.85
N SER B 76 1.84 17.44 25.44
CA SER B 76 1.94 17.03 26.84
C SER B 76 1.93 15.52 27.03
N THR B 77 1.75 14.74 25.94
CA THR B 77 1.68 13.27 25.94
C THR B 77 0.61 12.74 26.91
N THR B 78 -0.53 13.44 26.94
CA THR B 78 -1.64 13.08 27.81
C THR B 78 -2.92 13.06 27.00
N ALA B 79 -3.68 11.98 27.11
CA ALA B 79 -4.93 11.82 26.38
C ALA B 79 -6.09 12.38 27.20
N TYR B 80 -7.11 12.86 26.49
CA TYR B 80 -8.30 13.43 27.10
C TYR B 80 -9.52 12.61 26.72
N MET B 81 -10.54 12.65 27.57
CA MET B 81 -11.77 11.92 27.32
C MET B 81 -12.93 12.68 27.94
N GLU B 82 -14.12 12.49 27.38
CA GLU B 82 -15.33 13.18 27.83
C GLU B 82 -16.52 12.27 27.65
N LEU B 83 -17.01 11.70 28.76
CA LEU B 83 -18.23 10.91 28.72
C LEU B 83 -19.45 11.79 28.95
N ARG B 84 -20.52 11.51 28.20
CA ARG B 84 -21.76 12.26 28.30
C ARG B 84 -22.89 11.30 28.66
N SER B 85 -23.96 11.86 29.23
CA SER B 85 -25.19 11.15 29.60
C SER B 85 -24.92 9.99 30.57
N LEU B 86 -24.45 10.37 31.76
CA LEU B 86 -24.15 9.38 32.79
C LEU B 86 -25.43 8.78 33.36
N THR B 87 -25.36 7.49 33.70
CA THR B 87 -26.48 6.78 34.29
C THR B 87 -25.99 6.01 35.52
N SER B 88 -26.92 5.32 36.17
CA SER B 88 -26.57 4.54 37.36
C SER B 88 -25.84 3.25 36.98
N GLU B 89 -25.99 2.78 35.74
CA GLU B 89 -25.32 1.56 35.29
C GLU B 89 -23.86 1.79 34.94
N ASP B 90 -23.39 3.04 34.89
CA ASP B 90 -22.02 3.35 34.53
C ASP B 90 -21.08 3.42 35.74
N SER B 91 -21.42 2.75 36.83
CA SER B 91 -20.52 2.66 37.98
C SER B 91 -19.37 1.72 37.65
N ALA B 92 -18.23 2.27 37.27
CA ALA B 92 -17.11 1.47 36.81
C ALA B 92 -15.81 2.19 37.14
N VAL B 93 -14.69 1.61 36.70
CA VAL B 93 -13.36 2.14 36.97
C VAL B 93 -12.61 2.22 35.64
N TYR B 94 -12.09 3.40 35.33
CA TYR B 94 -11.34 3.61 34.10
C TYR B 94 -9.89 3.21 34.27
N TYR B 95 -9.26 2.77 33.19
CA TYR B 95 -7.89 2.30 33.19
C TYR B 95 -7.11 2.94 32.05
N CYS B 96 -5.79 2.86 32.15
CA CYS B 96 -4.89 3.32 31.09
C CYS B 96 -3.79 2.28 30.94
N THR B 97 -3.44 1.96 29.70
CA THR B 97 -2.58 0.82 29.41
C THR B 97 -1.63 1.16 28.27
N ARG B 98 -0.67 0.26 28.06
CA ARG B 98 0.23 0.31 26.92
C ARG B 98 -0.12 -0.84 25.98
N SER B 99 -0.08 -0.55 24.67
CA SER B 99 -0.51 -1.52 23.67
C SER B 99 0.50 -1.56 22.53
N PRO B 100 0.95 -2.75 22.10
CA PRO B 100 1.81 -2.83 20.91
C PRO B 100 0.99 -2.82 19.62
N VAL B 101 1.67 -2.92 18.49
CA VAL B 101 1.03 -2.86 17.18
C VAL B 101 1.37 -4.15 16.43
N ARG B 102 0.32 -4.85 15.94
CA ARG B 102 0.39 -6.08 15.16
C ARG B 102 1.21 -7.17 15.85
N PRO B 103 0.65 -7.85 16.87
CA PRO B 103 -0.73 -7.78 17.35
C PRO B 103 -0.98 -6.70 18.39
N TYR B 104 -2.25 -6.45 18.69
CA TYR B 104 -2.64 -5.46 19.68
C TYR B 104 -2.90 -6.16 21.02
N TYR B 105 -1.97 -5.99 21.95
CA TYR B 105 -2.03 -6.61 23.26
C TYR B 105 -2.11 -5.52 24.33
N PHE B 106 -1.98 -5.92 25.59
CA PHE B 106 -2.00 -5.00 26.73
C PHE B 106 -0.84 -5.41 27.65
N ASP B 107 0.30 -4.73 27.49
CA ASP B 107 1.48 -5.08 28.27
C ASP B 107 1.40 -4.52 29.68
N TYR B 108 1.36 -3.21 29.81
CA TYR B 108 1.30 -2.56 31.12
C TYR B 108 -0.14 -2.15 31.44
N TRP B 109 -0.35 -1.80 32.71
CA TRP B 109 -1.67 -1.41 33.19
C TRP B 109 -1.51 -0.30 34.22
N GLY B 110 -2.51 0.58 34.29
CA GLY B 110 -2.49 1.68 35.23
C GLY B 110 -3.16 1.34 36.55
N GLN B 111 -3.03 2.28 37.50
CA GLN B 111 -3.64 2.08 38.82
C GLN B 111 -5.15 2.29 38.77
N GLY B 112 -5.62 3.19 37.92
CA GLY B 112 -7.05 3.38 37.71
C GLY B 112 -7.64 4.48 38.57
N THR B 113 -8.85 4.89 38.18
CA THR B 113 -9.62 5.92 38.87
C THR B 113 -11.08 5.53 38.86
N THR B 114 -11.70 5.50 40.04
CA THR B 114 -13.09 5.07 40.15
C THR B 114 -14.02 6.23 39.80
N LEU B 115 -15.16 5.90 39.19
CA LEU B 115 -16.18 6.89 38.83
C LEU B 115 -17.45 6.56 39.60
N THR B 116 -17.69 7.27 40.69
CA THR B 116 -18.90 7.08 41.47
C THR B 116 -20.05 7.87 40.86
N VAL B 117 -21.26 7.32 40.96
CA VAL B 117 -22.44 7.94 40.38
C VAL B 117 -23.69 7.48 41.11
N ASP B 135 -19.27 -9.97 17.09
CA ASP B 135 -17.91 -10.09 17.64
C ASP B 135 -17.59 -11.51 18.08
N ILE B 136 -16.33 -11.76 18.40
CA ILE B 136 -15.87 -13.07 18.85
C ILE B 136 -15.88 -13.06 20.38
N VAL B 137 -16.82 -13.80 20.96
CA VAL B 137 -17.00 -13.84 22.41
C VAL B 137 -16.27 -15.08 22.94
N MET B 138 -15.67 -14.96 24.13
CA MET B 138 -14.91 -16.04 24.73
C MET B 138 -15.70 -16.63 25.89
N THR B 139 -16.05 -17.91 25.78
CA THR B 139 -16.79 -18.62 26.81
C THR B 139 -15.84 -19.50 27.61
N GLN B 140 -15.99 -19.46 28.94
CA GLN B 140 -15.08 -20.16 29.83
C GLN B 140 -15.87 -21.17 30.65
N SER B 141 -15.15 -21.88 31.50
CA SER B 141 -15.72 -22.91 32.37
C SER B 141 -16.18 -22.27 33.68
N HIS B 142 -16.45 -23.11 34.69
CA HIS B 142 -16.86 -22.62 35.99
C HIS B 142 -15.70 -21.93 36.69
N LYS B 143 -16.02 -20.90 37.49
CA LYS B 143 -14.98 -20.09 38.10
C LYS B 143 -14.55 -20.63 39.45
N PHE B 144 -15.46 -21.25 40.19
CA PHE B 144 -15.17 -21.69 41.56
C PHE B 144 -14.65 -23.12 41.54
N MET B 145 -13.33 -23.25 41.52
CA MET B 145 -12.66 -24.56 41.56
C MET B 145 -11.94 -24.72 42.89
N SER B 146 -12.06 -25.91 43.47
CA SER B 146 -11.49 -26.19 44.80
C SER B 146 -10.48 -27.31 44.67
N THR B 147 -9.19 -26.96 44.79
CA THR B 147 -8.10 -27.92 44.71
C THR B 147 -7.16 -27.59 45.88
N SER B 148 -6.24 -28.48 46.19
CA SER B 148 -5.27 -28.25 47.25
C SER B 148 -4.12 -27.37 46.76
N VAL B 149 -3.31 -26.89 47.71
CA VAL B 149 -2.21 -26.02 47.38
C VAL B 149 -1.05 -26.83 46.82
N GLY B 150 -0.57 -26.43 45.64
CA GLY B 150 0.55 -27.08 45.00
C GLY B 150 0.19 -28.09 43.94
N ASP B 151 -1.11 -28.34 43.72
CA ASP B 151 -1.53 -29.30 42.70
C ASP B 151 -1.62 -28.62 41.34
N ARG B 152 -1.51 -29.45 40.29
CA ARG B 152 -1.61 -28.96 38.92
C ARG B 152 -3.05 -28.60 38.61
N VAL B 153 -3.30 -27.34 38.31
CA VAL B 153 -4.64 -26.86 38.00
C VAL B 153 -4.76 -26.67 36.50
N SER B 154 -6.01 -26.46 36.05
CA SER B 154 -6.28 -26.27 34.63
C SER B 154 -7.44 -25.30 34.48
N ILE B 155 -7.35 -24.46 33.44
CA ILE B 155 -8.37 -23.47 33.12
C ILE B 155 -8.75 -23.64 31.65
N THR B 156 -10.03 -23.91 31.41
CA THR B 156 -10.55 -24.18 30.07
C THR B 156 -11.25 -22.93 29.53
N CYS B 157 -10.89 -22.54 28.32
CA CYS B 157 -11.50 -21.39 27.65
C CYS B 157 -11.81 -21.78 26.21
N LYS B 158 -13.06 -21.54 25.80
CA LYS B 158 -13.52 -21.90 24.46
C LYS B 158 -13.81 -20.63 23.66
N ALA B 159 -13.62 -20.75 22.35
CA ALA B 159 -13.83 -19.64 21.42
C ALA B 159 -15.10 -19.86 20.62
N SER B 160 -15.82 -18.78 20.34
CA SER B 160 -17.03 -18.86 19.53
C SER B 160 -16.74 -18.91 18.04
N GLN B 161 -15.66 -18.28 17.58
CA GLN B 161 -15.27 -18.30 16.19
C GLN B 161 -13.80 -18.69 16.10
N ASP B 162 -13.24 -18.60 14.90
CA ASP B 162 -11.87 -19.02 14.68
C ASP B 162 -10.88 -17.99 15.18
N VAL B 163 -10.12 -18.36 16.20
CA VAL B 163 -9.02 -17.54 16.72
C VAL B 163 -7.75 -18.36 16.53
N SER B 164 -6.84 -17.87 15.68
CA SER B 164 -5.61 -18.59 15.35
C SER B 164 -4.67 -18.72 16.55
N THR B 165 -4.14 -17.59 17.04
CA THR B 165 -3.18 -17.62 18.13
C THR B 165 -3.36 -16.49 19.14
N ALA B 166 -4.34 -15.60 18.97
CA ALA B 166 -4.46 -14.41 19.80
C ALA B 166 -5.21 -14.75 21.09
N VAL B 167 -4.52 -15.50 21.96
CA VAL B 167 -5.04 -15.83 23.29
C VAL B 167 -4.04 -15.33 24.31
N ALA B 168 -4.54 -14.65 25.34
CA ALA B 168 -3.70 -14.12 26.40
C ALA B 168 -4.35 -14.45 27.75
N TRP B 169 -3.56 -14.33 28.81
CA TRP B 169 -4.02 -14.59 30.17
C TRP B 169 -3.47 -13.52 31.09
N TYR B 170 -4.33 -12.97 31.94
CA TYR B 170 -3.95 -11.90 32.86
C TYR B 170 -4.11 -12.38 34.29
N GLN B 171 -3.66 -11.54 35.22
CA GLN B 171 -3.74 -11.84 36.65
C GLN B 171 -4.06 -10.56 37.40
N GLN B 172 -5.25 -10.49 37.99
CA GLN B 172 -5.70 -9.31 38.72
C GLN B 172 -6.00 -9.68 40.15
N LYS B 173 -5.40 -8.96 41.08
CA LYS B 173 -5.62 -9.12 42.51
C LYS B 173 -6.66 -8.13 42.98
N PRO B 174 -7.39 -8.45 44.06
CA PRO B 174 -8.32 -7.47 44.63
C PRO B 174 -7.57 -6.29 45.24
N GLY B 175 -7.74 -5.12 44.63
CA GLY B 175 -7.04 -3.92 45.02
C GLY B 175 -5.80 -3.61 44.20
N GLN B 176 -5.29 -4.57 43.45
CA GLN B 176 -4.09 -4.37 42.65
C GLN B 176 -4.44 -4.37 41.16
N SER B 177 -3.46 -3.96 40.36
CA SER B 177 -3.63 -3.78 38.92
C SER B 177 -3.24 -5.06 38.18
N PRO B 178 -3.90 -5.34 37.04
CA PRO B 178 -3.54 -6.52 36.25
C PRO B 178 -2.20 -6.39 35.53
N LYS B 179 -1.77 -7.46 34.86
CA LYS B 179 -0.48 -7.50 34.19
C LYS B 179 -0.53 -8.58 33.11
N LEU B 180 0.30 -8.41 32.08
CA LEU B 180 0.41 -9.40 31.02
C LEU B 180 1.29 -10.56 31.49
N LEU B 181 0.88 -11.78 31.17
CA LEU B 181 1.60 -12.99 31.59
C LEU B 181 2.16 -13.79 30.42
N ILE B 182 1.33 -14.23 29.49
CA ILE B 182 1.73 -15.15 28.42
C ILE B 182 1.81 -14.35 27.12
N TYR B 183 2.66 -14.80 26.21
CA TYR B 183 2.84 -14.12 24.93
C TYR B 183 2.42 -15.07 23.81
N SER B 184 1.32 -14.71 23.12
CA SER B 184 0.72 -15.49 22.03
C SER B 184 0.35 -16.91 22.45
N ALA B 185 0.00 -17.07 23.74
CA ALA B 185 -0.45 -18.31 24.38
C ALA B 185 0.55 -19.46 24.31
N SER B 186 1.82 -19.20 23.99
CA SER B 186 2.82 -20.24 23.90
C SER B 186 4.10 -19.97 24.67
N TYR B 187 4.54 -18.72 24.79
CA TYR B 187 5.82 -18.39 25.42
C TYR B 187 5.64 -17.32 26.47
N ARG B 188 6.67 -17.18 27.31
CA ARG B 188 6.61 -16.31 28.48
C ARG B 188 6.93 -14.87 28.11
N TYR B 189 6.57 -13.96 29.02
CA TYR B 189 6.89 -12.55 28.93
C TYR B 189 8.02 -12.24 29.91
N THR B 190 8.71 -11.12 29.66
CA THR B 190 9.79 -10.69 30.54
C THR B 190 9.23 -10.23 31.88
N GLY B 191 9.67 -10.88 32.96
CA GLY B 191 9.20 -10.57 34.29
C GLY B 191 8.13 -11.53 34.76
N VAL B 192 8.08 -12.71 34.15
CA VAL B 192 7.09 -13.73 34.46
C VAL B 192 7.82 -14.99 34.92
N PRO B 193 7.43 -15.61 36.03
CA PRO B 193 8.06 -16.87 36.45
C PRO B 193 7.70 -18.01 35.51
N ASP B 194 8.46 -19.11 35.66
CA ASP B 194 8.34 -20.25 34.77
C ASP B 194 7.16 -21.17 35.10
N ARG B 195 6.37 -20.86 36.13
CA ARG B 195 5.23 -21.69 36.48
C ARG B 195 4.06 -21.52 35.52
N PHE B 196 4.04 -20.45 34.74
CA PHE B 196 2.94 -20.14 33.84
C PHE B 196 3.30 -20.60 32.43
N THR B 197 2.56 -21.59 31.93
CA THR B 197 2.74 -22.09 30.58
C THR B 197 1.39 -22.54 30.02
N GLY B 198 1.20 -22.30 28.72
CA GLY B 198 -0.04 -22.64 28.06
C GLY B 198 0.19 -23.02 26.61
N SER B 199 -0.87 -23.50 25.98
CA SER B 199 -0.85 -23.90 24.58
C SER B 199 -2.28 -23.84 24.05
N GLY B 200 -2.44 -24.21 22.79
CA GLY B 200 -3.74 -24.21 22.17
C GLY B 200 -3.64 -24.02 20.67
N SER B 201 -4.68 -24.44 19.97
CA SER B 201 -4.71 -24.37 18.51
C SER B 201 -6.15 -24.33 18.04
N GLY B 202 -6.60 -23.16 17.56
CA GLY B 202 -7.90 -23.03 16.96
C GLY B 202 -9.04 -22.84 17.94
N THR B 203 -9.46 -23.92 18.62
CA THR B 203 -10.58 -23.85 19.55
C THR B 203 -10.28 -24.43 20.92
N ASP B 204 -9.33 -25.35 21.06
CA ASP B 204 -9.04 -25.99 22.36
C ASP B 204 -7.93 -25.20 23.02
N PHE B 205 -8.31 -24.16 23.76
CA PHE B 205 -7.37 -23.28 24.44
C PHE B 205 -7.39 -23.59 25.92
N THR B 206 -6.27 -24.12 26.43
CA THR B 206 -6.14 -24.48 27.83
C THR B 206 -5.02 -23.66 28.47
N PHE B 207 -4.97 -23.69 29.79
CA PHE B 207 -3.93 -23.02 30.56
C PHE B 207 -3.75 -23.76 31.87
N THR B 208 -2.48 -24.00 32.22
CA THR B 208 -2.16 -24.76 33.43
C THR B 208 -1.01 -24.10 34.17
N ILE B 209 -1.03 -24.22 35.49
CA ILE B 209 0.03 -23.73 36.36
C ILE B 209 0.48 -24.88 37.25
N SER B 210 1.76 -25.22 37.18
CA SER B 210 2.31 -26.31 37.98
C SER B 210 2.93 -25.75 39.24
N SER B 211 2.65 -26.40 40.38
CA SER B 211 3.17 -26.06 41.71
C SER B 211 2.80 -24.62 42.10
N VAL B 212 1.49 -24.41 42.28
CA VAL B 212 0.99 -23.08 42.60
C VAL B 212 1.37 -22.68 44.02
N GLN B 213 1.43 -21.37 44.26
CA GLN B 213 1.74 -20.82 45.57
C GLN B 213 0.64 -19.85 45.99
N ALA B 214 0.88 -19.17 47.12
CA ALA B 214 -0.07 -18.20 47.62
C ALA B 214 0.03 -16.87 46.88
N GLU B 215 1.14 -16.63 46.19
CA GLU B 215 1.30 -15.37 45.47
C GLU B 215 0.48 -15.33 44.19
N ASP B 216 0.27 -16.49 43.56
CA ASP B 216 -0.47 -16.59 42.31
C ASP B 216 -1.97 -16.72 42.53
N LEU B 217 -2.45 -16.49 43.75
CA LEU B 217 -3.86 -16.68 44.09
C LEU B 217 -4.61 -15.40 43.74
N ALA B 218 -5.08 -15.32 42.49
CA ALA B 218 -5.76 -14.12 42.03
C ALA B 218 -6.76 -14.49 40.93
N VAL B 219 -7.30 -13.46 40.28
CA VAL B 219 -8.33 -13.64 39.26
C VAL B 219 -7.67 -13.64 37.88
N TYR B 220 -7.95 -14.67 37.10
CA TYR B 220 -7.42 -14.81 35.74
C TYR B 220 -8.49 -14.42 34.73
N TYR B 221 -8.05 -14.16 33.50
CA TYR B 221 -8.93 -13.68 32.44
C TYR B 221 -8.52 -14.31 31.11
N CYS B 222 -9.52 -14.74 30.33
CA CYS B 222 -9.26 -15.22 28.97
C CYS B 222 -9.46 -14.07 27.98
N GLN B 223 -8.56 -13.96 27.01
CA GLN B 223 -8.53 -12.82 26.11
C GLN B 223 -8.61 -13.26 24.65
N GLN B 224 -9.04 -12.34 23.80
CA GLN B 224 -9.13 -12.55 22.36
C GLN B 224 -8.71 -11.27 21.65
N HIS B 225 -7.79 -11.39 20.68
CA HIS B 225 -7.37 -10.24 19.89
C HIS B 225 -7.38 -10.54 18.39
N TYR B 226 -8.28 -11.40 17.92
CA TYR B 226 -8.26 -11.80 16.51
C TYR B 226 -8.86 -10.74 15.60
N SER B 227 -9.83 -9.98 16.09
CA SER B 227 -10.54 -9.02 15.25
C SER B 227 -10.96 -7.81 16.06
N ILE B 228 -11.03 -6.67 15.38
CA ILE B 228 -11.54 -5.43 15.95
C ILE B 228 -13.05 -5.43 15.80
N PRO B 229 -13.83 -5.15 16.86
CA PRO B 229 -13.47 -4.82 18.25
C PRO B 229 -13.00 -6.00 19.10
N ARG B 230 -12.04 -5.75 19.97
CA ARG B 230 -11.54 -6.79 20.87
C ARG B 230 -12.53 -7.04 22.00
N THR B 231 -12.74 -8.30 22.31
CA THR B 231 -13.71 -8.72 23.31
C THR B 231 -13.02 -9.56 24.38
N PHE B 232 -13.18 -9.16 25.63
CA PHE B 232 -12.57 -9.83 26.78
C PHE B 232 -13.48 -10.95 27.27
N GLY B 233 -12.95 -11.75 28.19
CA GLY B 233 -13.65 -12.89 28.73
C GLY B 233 -14.30 -12.60 30.08
N GLY B 234 -14.87 -13.64 30.67
CA GLY B 234 -15.58 -13.51 31.93
C GLY B 234 -14.69 -13.48 33.15
N GLY B 235 -13.82 -14.48 33.28
CA GLY B 235 -12.90 -14.50 34.40
C GLY B 235 -12.99 -15.80 35.20
N THR B 236 -11.85 -16.22 35.75
CA THR B 236 -11.75 -17.43 36.56
C THR B 236 -11.03 -17.10 37.86
N LYS B 237 -11.17 -18.00 38.83
CA LYS B 237 -10.57 -17.80 40.15
C LYS B 237 -10.00 -19.12 40.65
N LEU B 238 -8.82 -19.05 41.25
CA LEU B 238 -8.18 -20.22 41.85
C LEU B 238 -8.40 -20.17 43.36
N GLU B 239 -9.20 -21.10 43.88
CA GLU B 239 -9.42 -21.23 45.32
C GLU B 239 -9.35 -22.71 45.74
N ILE B 240 -8.23 -23.41 45.50
CA ILE B 240 -6.89 -22.84 45.27
C ILE B 240 -6.52 -22.97 43.80
N GLN C 1 24.20 -0.59 25.93
CA GLN C 1 23.98 -0.18 24.55
C GLN C 1 24.50 -1.22 23.57
N VAL C 2 24.87 -0.78 22.38
CA VAL C 2 25.39 -1.69 21.36
C VAL C 2 26.90 -1.79 21.48
N GLN C 3 27.40 -3.02 21.64
CA GLN C 3 28.83 -3.26 21.72
C GLN C 3 29.20 -4.38 20.75
N LEU C 4 30.44 -4.37 20.29
CA LEU C 4 30.98 -5.38 19.38
C LEU C 4 32.29 -5.89 19.98
N GLN C 5 32.26 -7.11 20.50
CA GLN C 5 33.41 -7.69 21.20
C GLN C 5 34.06 -8.75 20.29
N GLN C 6 35.33 -8.56 19.99
CA GLN C 6 36.09 -9.53 19.22
C GLN C 6 36.84 -10.48 20.15
N SER C 7 37.62 -11.39 19.56
CA SER C 7 38.42 -12.32 20.32
C SER C 7 39.85 -11.79 20.47
N GLY C 8 40.73 -12.62 21.01
CA GLY C 8 42.11 -12.24 21.21
C GLY C 8 42.92 -12.31 19.94
N PRO C 9 44.17 -11.87 20.02
CA PRO C 9 45.05 -11.90 18.85
C PRO C 9 45.56 -13.31 18.58
N GLU C 10 46.21 -13.46 17.43
CA GLU C 10 46.76 -14.74 17.02
C GLU C 10 47.98 -14.51 16.14
N LEU C 11 49.02 -15.30 16.37
CA LEU C 11 50.25 -15.20 15.58
C LEU C 11 50.07 -15.89 14.24
N VAL C 12 50.65 -15.29 13.21
CA VAL C 12 50.50 -15.78 11.83
C VAL C 12 51.76 -16.52 11.44
N LYS C 13 51.59 -17.78 11.02
CA LYS C 13 52.69 -18.58 10.48
C LYS C 13 52.22 -19.21 9.17
N LEU C 14 53.11 -19.98 8.55
CA LEU C 14 52.82 -20.60 7.26
C LEU C 14 51.87 -21.78 7.44
N GLY C 15 50.66 -21.66 6.91
CA GLY C 15 49.70 -22.75 6.96
C GLY C 15 48.76 -22.76 8.13
N ALA C 16 48.69 -21.67 8.90
CA ALA C 16 47.83 -21.63 10.07
C ALA C 16 46.45 -21.07 9.71
N SER C 17 45.47 -21.39 10.55
CA SER C 17 44.11 -20.89 10.42
C SER C 17 43.76 -20.03 11.63
N VAL C 18 43.20 -18.85 11.35
CA VAL C 18 42.83 -17.89 12.38
C VAL C 18 41.34 -17.62 12.28
N ARG C 19 40.62 -17.87 13.37
CA ARG C 19 39.19 -17.61 13.43
C ARG C 19 38.93 -16.35 14.24
N ILE C 20 38.23 -15.39 13.66
CA ILE C 20 37.90 -14.12 14.30
C ILE C 20 36.38 -14.03 14.34
N SER C 21 35.84 -13.63 15.50
CA SER C 21 34.42 -13.48 15.69
C SER C 21 34.07 -12.05 16.10
N CYS C 22 32.77 -11.74 16.05
CA CYS C 22 32.28 -10.42 16.46
C CYS C 22 30.86 -10.59 16.95
N LYS C 23 30.66 -10.48 18.26
CA LYS C 23 29.37 -10.72 18.88
C LYS C 23 28.50 -9.47 18.76
N ALA C 24 27.27 -9.65 18.28
CA ALA C 24 26.31 -8.58 18.15
C ALA C 24 25.33 -8.63 19.32
N SER C 25 25.10 -7.48 19.94
CA SER C 25 24.20 -7.41 21.09
C SER C 25 23.60 -6.01 21.18
N GLY C 26 22.38 -5.95 21.70
CA GLY C 26 21.70 -4.69 21.88
C GLY C 26 20.85 -4.23 20.70
N TYR C 27 20.78 -5.03 19.64
CA TYR C 27 20.01 -4.66 18.46
C TYR C 27 19.64 -5.94 17.72
N ARG C 28 18.85 -5.78 16.65
CA ARG C 28 18.42 -6.91 15.83
C ARG C 28 19.39 -7.06 14.68
N PHE C 29 20.23 -8.11 14.75
CA PHE C 29 21.25 -8.33 13.74
C PHE C 29 20.69 -8.97 12.47
N SER C 30 19.45 -9.47 12.50
CA SER C 30 18.87 -10.11 11.33
C SER C 30 18.44 -9.11 10.27
N TYR C 31 18.28 -7.84 10.64
CA TYR C 31 17.83 -6.81 9.71
C TYR C 31 18.92 -5.82 9.34
N SER C 32 20.18 -6.17 9.57
CA SER C 32 21.29 -5.31 9.23
C SER C 32 22.43 -6.15 8.68
N TRP C 33 23.49 -5.48 8.23
CA TRP C 33 24.66 -6.15 7.67
C TRP C 33 25.80 -6.10 8.68
N MET C 34 26.90 -6.77 8.33
CA MET C 34 28.09 -6.81 9.16
C MET C 34 29.31 -6.63 8.26
N ASN C 35 29.93 -5.45 8.33
CA ASN C 35 31.03 -5.12 7.43
C ASN C 35 32.37 -5.47 8.07
N TRP C 36 33.36 -5.69 7.20
CA TRP C 36 34.73 -5.99 7.61
C TRP C 36 35.68 -5.13 6.80
N VAL C 37 36.70 -4.60 7.48
CA VAL C 37 37.64 -3.67 6.86
C VAL C 37 39.06 -4.18 7.10
N LYS C 38 39.90 -4.06 6.07
CA LYS C 38 41.32 -4.35 6.15
C LYS C 38 42.07 -3.10 6.61
N GLN C 39 43.09 -3.30 7.43
CA GLN C 39 43.90 -2.18 7.89
C GLN C 39 45.34 -2.64 8.08
N ARG C 40 46.24 -1.99 7.38
CA ARG C 40 47.67 -2.25 7.50
C ARG C 40 48.36 -1.01 8.06
N PRO C 41 49.30 -1.19 8.99
CA PRO C 41 50.07 -0.04 9.49
C PRO C 41 50.96 0.55 8.41
N GLY C 42 50.67 1.80 8.05
CA GLY C 42 51.35 2.46 6.96
C GLY C 42 50.55 2.53 5.67
N LYS C 43 49.42 1.85 5.58
CA LYS C 43 48.56 1.89 4.40
C LYS C 43 47.18 2.33 4.82
N GLY C 44 46.26 2.31 3.86
CA GLY C 44 44.89 2.71 4.09
C GLY C 44 43.97 1.54 4.40
N LEU C 45 42.69 1.77 4.15
CA LEU C 45 41.65 0.77 4.39
C LEU C 45 41.23 0.11 3.08
N GLU C 46 40.54 -1.02 3.21
CA GLU C 46 40.06 -1.76 2.05
C GLU C 46 38.85 -2.58 2.46
N TRP C 47 37.85 -2.62 1.57
CA TRP C 47 36.61 -3.33 1.84
C TRP C 47 36.76 -4.81 1.50
N ILE C 48 36.19 -5.66 2.35
CA ILE C 48 36.29 -7.11 2.21
C ILE C 48 34.95 -7.72 1.79
N GLY C 49 33.93 -7.58 2.64
CA GLY C 49 32.65 -8.20 2.34
C GLY C 49 31.62 -7.85 3.39
N ARG C 50 30.45 -8.47 3.28
CA ARG C 50 29.34 -8.21 4.18
C ARG C 50 28.62 -9.52 4.49
N ILE C 51 27.97 -9.55 5.65
CA ILE C 51 27.15 -10.68 6.08
C ILE C 51 25.76 -10.17 6.41
N TYR C 52 24.75 -10.70 5.73
CA TYR C 52 23.35 -10.42 6.02
C TYR C 52 22.74 -11.67 6.65
N PRO C 53 22.58 -11.69 7.98
CA PRO C 53 22.04 -12.89 8.64
C PRO C 53 20.55 -13.05 8.39
N GLY C 54 20.08 -14.30 8.47
CA GLY C 54 18.69 -14.60 8.26
C GLY C 54 18.45 -15.45 7.03
N ASP C 55 19.19 -15.17 5.96
CA ASP C 55 19.05 -15.92 4.71
C ASP C 55 20.38 -16.43 4.15
N GLY C 56 21.50 -15.80 4.48
CA GLY C 56 22.80 -16.34 4.11
C GLY C 56 23.45 -15.70 2.89
N ASP C 57 23.05 -14.49 2.50
CA ASP C 57 23.70 -13.83 1.39
C ASP C 57 25.04 -13.22 1.81
N THR C 58 26.07 -13.47 1.00
CA THR C 58 27.40 -12.96 1.26
C THR C 58 28.03 -12.51 -0.05
N LYS C 59 28.56 -11.28 -0.05
CA LYS C 59 29.16 -10.70 -1.24
C LYS C 59 30.67 -10.62 -1.05
N TYR C 60 31.40 -10.97 -2.11
CA TYR C 60 32.86 -10.97 -2.09
C TYR C 60 33.38 -10.10 -3.24
N SER C 61 34.43 -9.35 -2.94
CA SER C 61 35.09 -8.48 -3.91
C SER C 61 36.52 -8.22 -3.42
N GLY C 62 37.37 -7.79 -4.35
CA GLY C 62 38.75 -7.49 -4.00
C GLY C 62 39.60 -8.71 -3.72
N LYS C 63 39.38 -9.80 -4.47
CA LYS C 63 40.09 -11.09 -4.45
C LYS C 63 40.29 -11.68 -3.04
N PHE C 64 39.40 -11.37 -2.10
CA PHE C 64 39.49 -11.94 -0.76
C PHE C 64 38.73 -13.24 -0.62
N LYS C 65 38.22 -13.81 -1.72
CA LYS C 65 37.48 -15.06 -1.64
C LYS C 65 38.38 -16.27 -1.40
N GLY C 66 39.67 -16.16 -1.77
CA GLY C 66 40.57 -17.29 -1.66
C GLY C 66 41.01 -17.61 -0.24
N LYS C 67 40.93 -16.65 0.66
CA LYS C 67 41.40 -16.89 2.03
C LYS C 67 40.34 -16.60 3.08
N ALA C 68 39.40 -15.70 2.82
CA ALA C 68 38.40 -15.31 3.80
C ALA C 68 37.07 -15.98 3.47
N THR C 69 36.53 -16.75 4.41
CA THR C 69 35.23 -17.38 4.29
C THR C 69 34.31 -16.83 5.37
N LEU C 70 33.32 -16.04 4.96
CA LEU C 70 32.44 -15.35 5.88
C LEU C 70 31.19 -16.20 6.13
N THR C 71 31.01 -16.65 7.37
CA THR C 71 29.90 -17.50 7.75
C THR C 71 29.38 -17.04 9.11
N ALA C 72 28.06 -17.00 9.26
CA ALA C 72 27.45 -16.58 10.52
C ALA C 72 26.29 -17.51 10.84
N ASP C 73 25.73 -17.32 12.03
CA ASP C 73 24.62 -18.14 12.52
C ASP C 73 23.69 -17.29 13.35
N LYS C 74 22.38 -17.58 13.26
CA LYS C 74 21.40 -16.75 13.96
C LYS C 74 21.21 -17.20 15.41
N SER C 75 21.51 -18.47 15.70
CA SER C 75 21.21 -19.01 17.03
C SER C 75 22.21 -18.50 18.08
N SER C 76 23.48 -18.39 17.70
CA SER C 76 24.50 -17.92 18.64
C SER C 76 24.74 -16.41 18.54
N SER C 77 24.15 -15.75 17.53
CA SER C 77 24.13 -14.29 17.38
C SER C 77 25.52 -13.68 17.27
N THR C 78 26.36 -14.29 16.44
CA THR C 78 27.67 -13.73 16.11
C THR C 78 28.04 -14.14 14.69
N VAL C 79 29.13 -13.54 14.20
CA VAL C 79 29.64 -13.82 12.87
C VAL C 79 31.02 -14.47 13.00
N TYR C 80 31.50 -15.03 11.90
CA TYR C 80 32.80 -15.68 11.86
C TYR C 80 33.45 -15.44 10.51
N MET C 81 34.78 -15.32 10.50
CA MET C 81 35.57 -15.22 9.28
C MET C 81 36.68 -16.26 9.38
N GLN C 82 36.64 -17.26 8.52
CA GLN C 82 37.59 -18.38 8.55
C GLN C 82 38.75 -18.07 7.63
N LEU C 83 39.93 -17.88 8.21
CA LEU C 83 41.14 -17.61 7.44
C LEU C 83 41.90 -18.91 7.20
N SER C 84 42.51 -19.04 6.02
CA SER C 84 43.24 -20.24 5.65
C SER C 84 44.33 -19.89 4.66
N SER C 85 45.44 -20.65 4.72
CA SER C 85 46.62 -20.51 3.85
C SER C 85 47.21 -19.10 3.92
N LEU C 86 47.71 -18.76 5.11
CA LEU C 86 48.22 -17.43 5.37
C LEU C 86 49.70 -17.33 5.01
N THR C 87 50.13 -16.10 4.75
CA THR C 87 51.53 -15.80 4.48
C THR C 87 51.94 -14.63 5.35
N SER C 88 53.17 -14.14 5.15
CA SER C 88 53.65 -13.00 5.93
C SER C 88 53.08 -11.69 5.42
N GLU C 89 52.71 -11.64 4.14
CA GLU C 89 52.20 -10.41 3.56
C GLU C 89 50.72 -10.18 3.88
N ASP C 90 50.04 -11.16 4.45
CA ASP C 90 48.63 -11.04 4.80
C ASP C 90 48.40 -10.50 6.20
N SER C 91 49.43 -9.97 6.86
CA SER C 91 49.28 -9.44 8.20
C SER C 91 48.59 -8.09 8.15
N ALA C 92 47.47 -7.97 8.85
CA ALA C 92 46.68 -6.74 8.84
C ALA C 92 45.84 -6.68 10.10
N VAL C 93 45.14 -5.57 10.26
CA VAL C 93 44.29 -5.32 11.43
C VAL C 93 42.84 -5.39 10.96
N TYR C 94 42.06 -6.27 11.58
CA TYR C 94 40.67 -6.49 11.22
C TYR C 94 39.75 -5.80 12.22
N PHE C 95 38.70 -5.18 11.70
CA PHE C 95 37.66 -4.56 12.51
C PHE C 95 36.29 -5.04 12.05
N CYS C 96 35.33 -5.05 12.97
CA CYS C 96 33.94 -5.33 12.66
C CYS C 96 33.11 -4.14 13.10
N ALA C 97 32.19 -3.70 12.23
CA ALA C 97 31.38 -2.52 12.50
C ALA C 97 29.92 -2.81 12.16
N ARG C 98 29.02 -2.19 12.93
CA ARG C 98 27.59 -2.31 12.70
C ARG C 98 27.17 -1.29 11.65
N SER C 99 26.53 -1.77 10.59
CA SER C 99 26.11 -0.90 9.50
C SER C 99 24.72 -0.34 9.80
N ALA C 100 24.51 0.94 9.50
CA ALA C 100 23.20 1.55 9.67
C ALA C 100 22.28 1.16 8.52
N TYR C 101 21.04 1.63 8.61
CA TYR C 101 20.04 1.32 7.61
C TYR C 101 20.25 2.17 6.35
N GLY C 102 19.39 1.92 5.35
CA GLY C 102 19.53 2.62 4.08
C GLY C 102 19.09 4.07 4.14
N SER C 103 18.32 4.44 5.16
CA SER C 103 17.92 5.84 5.32
C SER C 103 19.09 6.71 5.75
N GLU C 104 20.03 6.15 6.51
CA GLU C 104 21.23 6.86 6.92
C GLU C 104 22.40 6.63 5.97
N GLY C 105 22.26 5.74 4.99
CA GLY C 105 23.32 5.52 4.02
C GLY C 105 24.32 4.45 4.38
N PHE C 106 23.89 3.41 5.11
CA PHE C 106 24.70 2.24 5.48
C PHE C 106 25.97 2.62 6.25
N ALA C 107 25.84 3.55 7.19
CA ALA C 107 27.00 4.08 7.89
C ALA C 107 27.40 3.18 9.06
N MET C 108 28.68 3.22 9.41
CA MET C 108 29.21 2.46 10.54
C MET C 108 29.15 3.33 11.78
N ASP C 109 28.10 3.15 12.58
CA ASP C 109 27.92 4.01 13.76
C ASP C 109 28.84 3.59 14.90
N TYR C 110 29.00 2.28 15.11
CA TYR C 110 29.82 1.75 16.17
C TYR C 110 30.90 0.84 15.60
N TRP C 111 31.95 0.62 16.40
CA TRP C 111 33.10 -0.17 15.98
C TRP C 111 33.56 -1.06 17.11
N GLY C 112 34.38 -2.06 16.76
CA GLY C 112 35.00 -2.92 17.74
C GLY C 112 36.37 -2.43 18.15
N GLN C 113 37.02 -3.19 19.03
CA GLN C 113 38.34 -2.81 19.51
C GLN C 113 39.44 -3.23 18.53
N GLY C 114 39.17 -4.19 17.65
CA GLY C 114 40.16 -4.62 16.68
C GLY C 114 41.18 -5.60 17.21
N THR C 115 41.52 -6.61 16.41
CA THR C 115 42.50 -7.62 16.78
C THR C 115 43.76 -7.44 15.94
N SER C 116 44.89 -7.86 16.49
CA SER C 116 46.18 -7.74 15.80
C SER C 116 46.52 -9.07 15.17
N VAL C 117 46.26 -9.21 13.88
CA VAL C 117 46.55 -10.42 13.12
C VAL C 117 47.88 -10.20 12.42
N THR C 118 48.96 -10.63 13.05
CA THR C 118 50.31 -10.45 12.50
C THR C 118 51.25 -11.55 12.98
N ASP D 1 34.39 -2.57 -9.97
CA ASP D 1 34.73 -1.67 -8.88
C ASP D 1 34.78 -0.23 -9.36
N ILE D 2 34.25 0.68 -8.55
CA ILE D 2 34.20 2.11 -8.87
C ILE D 2 35.50 2.75 -8.39
N VAL D 3 36.15 3.51 -9.27
CA VAL D 3 37.40 4.16 -8.92
C VAL D 3 37.14 5.32 -7.96
N LEU D 4 37.86 5.34 -6.85
CA LEU D 4 37.69 6.36 -5.83
C LEU D 4 39.07 6.77 -5.32
N THR D 5 39.47 8.00 -5.59
CA THR D 5 40.76 8.54 -5.17
C THR D 5 40.53 9.66 -4.17
N GLN D 6 41.62 10.27 -3.72
CA GLN D 6 41.56 11.36 -2.76
C GLN D 6 42.71 12.32 -3.01
N SER D 7 42.43 13.61 -2.90
CA SER D 7 43.41 14.66 -3.13
C SER D 7 43.09 15.83 -2.23
N PRO D 8 44.11 16.49 -1.63
CA PRO D 8 45.54 16.20 -1.74
C PRO D 8 46.02 15.12 -0.76
N ALA D 9 47.32 14.80 -0.82
CA ALA D 9 47.85 13.76 0.06
C ALA D 9 48.16 14.30 1.45
N SER D 10 48.54 15.58 1.54
CA SER D 10 48.87 16.19 2.81
C SER D 10 48.49 17.66 2.77
N LEU D 11 47.90 18.14 3.86
CA LEU D 11 47.49 19.54 3.99
C LEU D 11 48.08 20.12 5.27
N ALA D 12 48.50 21.38 5.20
CA ALA D 12 49.10 22.08 6.33
C ALA D 12 48.23 23.30 6.65
N VAL D 13 47.41 23.17 7.69
CA VAL D 13 46.50 24.22 8.11
C VAL D 13 47.05 24.84 9.39
N SER D 14 47.16 26.16 9.41
CA SER D 14 47.61 26.87 10.59
C SER D 14 46.48 26.98 11.61
N LEU D 15 46.81 27.53 12.78
CA LEU D 15 45.83 27.70 13.85
C LEU D 15 44.88 28.84 13.49
N GLY D 16 43.59 28.53 13.41
CA GLY D 16 42.57 29.53 13.11
C GLY D 16 42.15 29.60 11.65
N GLN D 17 42.62 28.67 10.82
CA GLN D 17 42.30 28.69 9.40
C GLN D 17 41.37 27.53 9.05
N ARG D 18 40.57 27.74 8.00
CA ARG D 18 39.65 26.72 7.51
C ARG D 18 40.24 26.01 6.30
N ALA D 19 39.70 24.83 6.02
CA ALA D 19 40.15 24.02 4.90
C ALA D 19 39.01 23.14 4.42
N THR D 20 39.27 22.38 3.37
CA THR D 20 38.29 21.44 2.82
C THR D 20 39.00 20.23 2.25
N ILE D 21 38.28 19.12 2.18
CA ILE D 21 38.80 17.87 1.62
C ILE D 21 37.72 17.25 0.74
N SER D 22 38.13 16.71 -0.40
CA SER D 22 37.20 16.17 -1.39
C SER D 22 37.54 14.71 -1.69
N CYS D 23 36.66 14.06 -2.45
CA CYS D 23 36.82 12.68 -2.87
C CYS D 23 36.55 12.60 -4.37
N ARG D 24 37.58 12.35 -5.16
CA ARG D 24 37.44 12.28 -6.61
C ARG D 24 37.02 10.87 -7.02
N ALA D 25 35.97 10.79 -7.83
CA ALA D 25 35.45 9.53 -8.30
C ALA D 25 34.74 9.73 -9.64
N SER D 26 34.43 8.62 -10.31
CA SER D 26 33.69 8.69 -11.56
C SER D 26 32.19 8.80 -11.31
N GLU D 27 31.71 8.31 -10.17
CA GLU D 27 30.32 8.44 -9.76
C GLU D 27 30.24 9.58 -8.74
N SER D 28 29.22 10.46 -8.78
CA SER D 28 27.78 10.36 -9.16
C SER D 28 27.07 9.09 -8.71
N VAL D 29 27.03 8.93 -7.38
CA VAL D 29 26.26 7.87 -6.73
C VAL D 29 24.87 8.36 -6.33
N ASP D 30 24.41 9.47 -6.91
CA ASP D 30 23.15 10.10 -6.50
C ASP D 30 21.97 9.29 -7.02
N ASN D 31 21.66 8.23 -6.29
CA ASN D 31 20.55 7.35 -6.60
C ASN D 31 19.48 7.50 -5.51
N TYR D 32 18.25 7.82 -5.95
CA TYR D 32 17.07 7.99 -5.10
C TYR D 32 17.27 9.08 -4.05
N GLY D 33 18.00 10.11 -4.41
CA GLY D 33 18.19 11.27 -3.52
C GLY D 33 19.29 11.18 -2.46
N ILE D 34 19.46 10.00 -1.87
CA ILE D 34 20.45 9.83 -0.82
C ILE D 34 21.85 9.78 -1.43
N SER D 35 22.72 10.69 -1.00
CA SER D 35 24.09 10.73 -1.47
C SER D 35 24.87 9.59 -0.81
N PHE D 36 25.31 8.61 -1.61
CA PHE D 36 25.97 7.42 -1.09
C PHE D 36 27.47 7.69 -0.94
N LEU D 37 27.80 8.56 0.00
CA LEU D 37 29.19 8.90 0.28
C LEU D 37 29.31 9.26 1.76
N ASN D 38 30.17 8.54 2.47
CA ASN D 38 30.34 8.69 3.91
C ASN D 38 31.72 9.29 4.20
N TRP D 39 31.94 9.58 5.48
CA TRP D 39 33.20 10.14 5.95
C TRP D 39 33.62 9.46 7.24
N PHE D 40 34.92 9.32 7.43
CA PHE D 40 35.48 8.68 8.62
C PHE D 40 36.60 9.54 9.19
N GLN D 41 37.02 9.20 10.41
CA GLN D 41 38.13 9.90 11.07
C GLN D 41 38.80 8.89 12.00
N GLN D 42 39.96 8.39 11.58
CA GLN D 42 40.71 7.40 12.35
C GLN D 42 41.88 8.08 13.05
N LYS D 43 41.93 7.94 14.36
CA LYS D 43 43.05 8.41 15.18
C LYS D 43 44.01 7.26 15.45
N PRO D 44 45.28 7.55 15.73
CA PRO D 44 46.21 6.49 16.12
C PRO D 44 45.83 5.87 17.46
N GLY D 45 45.42 4.60 17.42
CA GLY D 45 44.91 3.91 18.58
C GLY D 45 43.39 3.84 18.67
N GLN D 46 42.69 4.64 17.87
CA GLN D 46 41.24 4.71 17.89
C GLN D 46 40.66 4.17 16.58
N PRO D 47 39.45 3.61 16.62
CA PRO D 47 38.81 3.14 15.38
C PRO D 47 38.37 4.31 14.52
N PRO D 48 38.06 4.06 13.22
CA PRO D 48 37.57 5.16 12.37
C PRO D 48 36.15 5.59 12.73
N LYS D 49 36.05 6.51 13.69
CA LYS D 49 34.75 6.97 14.19
C LYS D 49 33.98 7.72 13.11
N LEU D 50 32.67 7.49 13.08
CA LEU D 50 31.79 8.12 12.10
C LEU D 50 31.63 9.61 12.37
N LEU D 51 31.43 10.37 11.30
CA LEU D 51 31.27 11.82 11.40
C LEU D 51 29.90 12.31 10.96
N ILE D 52 29.45 11.95 9.75
CA ILE D 52 28.26 12.56 9.16
C ILE D 52 27.47 11.48 8.44
N TYR D 53 26.14 11.51 8.60
CA TYR D 53 25.24 10.55 7.95
C TYR D 53 25.10 10.93 6.48
N ALA D 54 25.75 10.14 5.61
CA ALA D 54 25.65 10.24 4.14
C ALA D 54 26.03 11.62 3.62
N ALA D 55 27.02 12.25 4.26
CA ALA D 55 27.53 13.58 3.95
C ALA D 55 26.46 14.67 3.97
N SER D 56 25.41 14.49 4.76
CA SER D 56 24.33 15.48 4.82
C SER D 56 23.85 15.82 6.23
N ASN D 57 24.03 14.95 7.23
CA ASN D 57 23.50 15.19 8.55
C ASN D 57 24.47 14.68 9.61
N GLN D 58 24.73 15.51 10.62
CA GLN D 58 25.66 15.15 11.67
C GLN D 58 25.08 14.05 12.56
N GLY D 59 25.90 13.06 12.88
CA GLY D 59 25.49 11.93 13.69
C GLY D 59 25.69 12.17 15.17
N SER D 60 25.56 11.09 15.94
CA SER D 60 25.69 11.14 17.39
C SER D 60 27.15 10.97 17.79
N GLY D 61 27.52 11.62 18.90
CA GLY D 61 28.88 11.56 19.38
C GLY D 61 29.87 12.41 18.62
N VAL D 62 29.40 13.28 17.74
CA VAL D 62 30.27 14.11 16.90
C VAL D 62 30.20 15.54 17.41
N PRO D 63 31.32 16.23 17.60
CA PRO D 63 31.29 17.65 17.99
C PRO D 63 30.75 18.53 16.88
N ALA D 64 30.41 19.76 17.27
CA ALA D 64 29.76 20.71 16.36
C ALA D 64 30.73 21.44 15.45
N ARG D 65 31.97 20.98 15.31
CA ARG D 65 32.97 21.60 14.45
C ARG D 65 33.08 20.89 13.09
N PHE D 66 32.02 20.20 12.68
CA PHE D 66 32.04 19.47 11.42
C PHE D 66 30.72 19.67 10.70
N SER D 67 30.80 19.80 9.37
CA SER D 67 29.63 19.96 8.53
C SER D 67 30.02 19.52 7.12
N GLY D 68 29.03 19.41 6.25
CA GLY D 68 29.29 19.00 4.89
C GLY D 68 28.09 19.26 3.99
N SER D 69 28.40 19.58 2.74
CA SER D 69 27.40 19.84 1.72
C SER D 69 28.04 19.65 0.35
N GLY D 70 27.22 19.70 -0.68
CA GLY D 70 27.70 19.55 -2.04
C GLY D 70 26.66 18.84 -2.89
N SER D 71 27.00 18.70 -4.17
CA SER D 71 26.12 18.05 -5.13
C SER D 71 26.95 17.57 -6.31
N GLY D 72 26.47 16.51 -6.97
CA GLY D 72 27.11 16.00 -8.16
C GLY D 72 28.31 15.10 -7.89
N THR D 73 29.35 15.25 -8.71
CA THR D 73 30.55 14.43 -8.60
C THR D 73 31.63 15.07 -7.74
N TYR D 74 31.27 16.00 -6.86
CA TYR D 74 32.26 16.74 -6.08
C TYR D 74 31.63 17.20 -4.77
N PHE D 75 32.11 16.66 -3.65
CA PHE D 75 31.68 17.10 -2.34
C PHE D 75 32.81 17.88 -1.66
N SER D 76 32.48 18.53 -0.55
CA SER D 76 33.46 19.30 0.21
C SER D 76 33.00 19.36 1.65
N LEU D 77 33.77 18.74 2.55
CA LEU D 77 33.46 18.79 3.97
C LEU D 77 33.93 20.14 4.53
N ASN D 78 33.07 20.77 5.31
CA ASN D 78 33.38 22.06 5.93
C ASN D 78 33.97 21.83 7.32
N ILE D 79 35.21 22.29 7.52
CA ILE D 79 35.93 22.10 8.77
C ILE D 79 36.05 23.46 9.45
N HIS D 80 35.74 23.50 10.74
CA HIS D 80 35.97 24.69 11.55
C HIS D 80 37.47 24.93 11.74
N PRO D 81 37.87 26.16 12.19
CA PRO D 81 39.27 26.38 12.59
C PRO D 81 39.78 25.39 13.62
N MET D 82 40.73 24.56 13.22
CA MET D 82 41.10 23.38 13.98
C MET D 82 42.19 23.69 15.00
N GLU D 83 42.28 22.83 16.00
CA GLU D 83 43.31 22.89 17.04
C GLU D 83 44.32 21.76 16.83
N GLU D 84 45.23 21.62 17.79
CA GLU D 84 46.26 20.60 17.70
C GLU D 84 45.74 19.19 17.94
N ASP D 85 44.55 19.06 18.56
CA ASP D 85 44.01 17.76 18.91
C ASP D 85 43.33 17.04 17.76
N ASP D 86 43.30 17.62 16.55
CA ASP D 86 42.65 17.02 15.40
C ASP D 86 43.61 16.26 14.50
N THR D 87 44.68 15.71 15.05
CA THR D 87 45.64 14.93 14.26
C THR D 87 45.07 13.56 13.98
N ALA D 88 44.55 13.36 12.77
CA ALA D 88 43.92 12.11 12.37
C ALA D 88 43.97 12.00 10.85
N VAL D 89 43.25 11.03 10.30
CA VAL D 89 43.17 10.82 8.86
C VAL D 89 41.70 10.66 8.47
N TYR D 90 41.30 11.35 7.40
CA TYR D 90 39.93 11.30 6.89
C TYR D 90 39.88 10.42 5.65
N PHE D 91 38.79 9.66 5.51
CA PHE D 91 38.64 8.72 4.42
C PHE D 91 37.35 8.96 3.65
N CYS D 92 37.29 8.39 2.46
CA CYS D 92 36.09 8.36 1.64
C CYS D 92 35.49 6.97 1.63
N GLN D 93 34.17 6.90 1.45
CA GLN D 93 33.47 5.62 1.43
C GLN D 93 32.23 5.76 0.56
N GLN D 94 32.26 5.21 -0.65
CA GLN D 94 31.07 5.15 -1.48
C GLN D 94 30.37 3.82 -1.17
N THR D 95 29.13 3.93 -0.68
CA THR D 95 28.38 2.78 -0.21
C THR D 95 27.36 2.28 -1.23
N LYS D 96 27.45 2.69 -2.48
CA LYS D 96 26.58 2.17 -3.52
C LYS D 96 27.00 0.75 -3.89
N GLY D 97 26.02 -0.15 -4.00
CA GLY D 97 26.30 -1.54 -4.26
C GLY D 97 26.75 -1.80 -5.69
N VAL D 98 27.18 -3.04 -5.96
CA VAL D 98 27.22 -4.12 -4.97
C VAL D 98 28.63 -4.27 -4.39
N SER D 99 29.61 -3.62 -5.03
CA SER D 99 30.99 -3.65 -4.58
C SER D 99 31.36 -2.29 -4.01
N TRP D 100 31.97 -2.30 -2.82
CA TRP D 100 32.35 -1.07 -2.14
C TRP D 100 33.86 -0.86 -2.21
N THR D 101 34.24 0.40 -2.41
CA THR D 101 35.65 0.79 -2.48
C THR D 101 35.88 1.94 -1.52
N PHE D 102 37.08 2.00 -0.97
CA PHE D 102 37.46 3.00 0.03
C PHE D 102 38.48 3.96 -0.55
N GLY D 103 38.70 5.07 0.17
CA GLY D 103 39.62 6.08 -0.26
C GLY D 103 41.05 5.80 0.14
N GLY D 104 41.93 6.76 -0.16
CA GLY D 104 43.33 6.64 0.16
C GLY D 104 43.73 7.32 1.45
N GLY D 105 43.04 8.40 1.80
CA GLY D 105 43.33 9.12 3.02
C GLY D 105 44.37 10.20 2.83
N THR D 106 44.25 11.24 3.66
CA THR D 106 45.17 12.37 3.63
C THR D 106 45.77 12.59 5.02
N LYS D 107 46.97 13.15 5.04
CA LYS D 107 47.66 13.42 6.30
C LYS D 107 47.32 14.82 6.79
N VAL D 108 46.80 14.90 8.01
CA VAL D 108 46.42 16.17 8.63
C VAL D 108 47.53 16.61 9.55
N GLU D 109 48.14 17.76 9.26
CA GLU D 109 49.23 18.31 10.06
C GLU D 109 49.00 19.79 10.25
N ILE D 110 49.85 20.43 11.04
CA ILE D 110 49.73 21.85 11.32
C ILE D 110 50.88 22.61 10.64
#